data_3E15
#
_entry.id   3E15
#
_cell.length_a   46.524
_cell.length_b   80.846
_cell.length_c   89.765
_cell.angle_alpha   63.980
_cell.angle_beta   88.100
_cell.angle_gamma   80.010
#
_symmetry.space_group_name_H-M   'P 1'
#
loop_
_entity.id
_entity.type
_entity.pdbx_description
1 polymer 'Glucose-6-phosphate 1-dehydrogenase'
2 non-polymer 'CHLORIDE ION'
3 non-polymer 'POTASSIUM ION'
4 non-polymer 'AZIDE ION'
5 water water
#
_entity_poly.entity_id   1
_entity_poly.type   'polypeptide(L)'
_entity_poly.pdbx_seq_one_letter_code
;MAHHHHHH(MSE)DCQALAKSLEQ(MSE)NHLHNVKYLEAKDLTDFNQKSAYYICHQIAEKQLSKEGGHVVIGLSGGKTP
IDVYKNIALVKDIKIDTSKLIFFIIDERYKRDDHKFSNYNNIKFLFESLKINEKEQLYRPDTSKNIVECVRDYNEKIKN
(MSE)VKKYTKVDIAILG(MSE)GSDFHIASLFPNIFFNIY(MSE)NNYQNSYIYDESSIKVANSNDTSDNDNLDLLKEY
VYFTTTNNFDVRKRITVSLDLLGNASSKIFLLNSTDKLDLWKN(MSE)LLKSYVDVNYCLYPAVYLIDS(MSE)NTTVVT
CGYTNYPQ(MSE)LEDIYVSNSSLS
;
_entity_poly.pdbx_strand_id   A,B,C,D
#
loop_
_chem_comp.id
_chem_comp.type
_chem_comp.name
_chem_comp.formula
AZI non-polymer 'AZIDE ION' 'N3 -1'
CL non-polymer 'CHLORIDE ION' 'Cl -1'
K non-polymer 'POTASSIUM ION' 'K 1'
#
# COMPACT_ATOMS: atom_id res chain seq x y z
N GLN A 12 37.63 32.74 -20.00
CA GLN A 12 39.09 32.73 -20.32
C GLN A 12 39.92 32.43 -19.07
N ALA A 13 39.68 33.21 -18.02
CA ALA A 13 40.14 32.85 -16.67
C ALA A 13 39.51 31.53 -16.20
N LEU A 14 38.33 31.23 -16.74
CA LEU A 14 37.52 30.09 -16.28
C LEU A 14 37.82 28.79 -17.06
N ALA A 15 38.29 28.93 -18.30
CA ALA A 15 38.54 27.76 -19.16
C ALA A 15 39.84 27.04 -18.79
N LYS A 16 40.78 27.77 -18.18
CA LYS A 16 41.90 27.16 -17.45
C LYS A 16 41.40 26.15 -16.40
N SER A 17 40.34 26.55 -15.68
CA SER A 17 40.01 25.96 -14.40
C SER A 17 39.23 24.66 -14.54
N LEU A 18 38.38 24.59 -15.56
CA LEU A 18 37.82 23.32 -16.01
C LEU A 18 38.94 22.27 -16.25
N GLU A 19 40.16 22.75 -16.48
CA GLU A 19 41.34 21.87 -16.66
C GLU A 19 42.03 21.50 -15.34
N GLN A 20 41.90 22.36 -14.32
CA GLN A 20 42.36 22.04 -12.97
C GLN A 20 41.41 21.10 -12.20
N MSE A 21 40.45 20.46 -12.91
CA MSE A 21 39.38 19.67 -12.26
C MSE A 21 39.91 18.34 -11.69
O MSE A 21 40.66 17.62 -12.35
CB MSE A 21 38.27 19.37 -13.29
CG MSE A 21 36.88 19.26 -12.68
SE MSE A 21 35.48 20.00 -13.83
CE MSE A 21 35.00 18.36 -14.80
N ASN A 22 39.52 18.05 -10.45
CA ASN A 22 39.87 16.78 -9.80
C ASN A 22 38.81 15.69 -10.00
N HIS A 23 39.27 14.45 -10.20
CA HIS A 23 38.38 13.30 -10.28
C HIS A 23 38.63 12.36 -9.09
N LEU A 24 37.56 11.90 -8.44
CA LEU A 24 37.67 10.99 -7.31
C LEU A 24 36.44 10.04 -7.22
N HIS A 25 36.72 8.73 -7.31
CA HIS A 25 35.66 7.71 -7.26
C HIS A 25 34.48 8.00 -8.20
N ASN A 26 34.81 8.41 -9.44
CA ASN A 26 33.83 8.65 -10.51
C ASN A 26 33.07 9.98 -10.39
N VAL A 27 33.53 10.86 -9.50
CA VAL A 27 32.99 12.21 -9.41
C VAL A 27 34.07 13.18 -9.84
N LYS A 28 33.67 14.18 -10.61
CA LYS A 28 34.52 15.32 -10.95
C LYS A 28 34.19 16.46 -9.98
N TYR A 29 35.24 17.09 -9.46
CA TYR A 29 35.10 18.20 -8.54
C TYR A 29 35.67 19.43 -9.16
N LEU A 30 34.90 20.51 -9.13
CA LEU A 30 35.39 21.80 -9.63
C LEU A 30 35.35 22.79 -8.50
N GLU A 31 36.51 23.35 -8.18
CA GLU A 31 36.67 24.11 -6.96
C GLU A 31 36.57 25.61 -7.25
N ALA A 32 35.81 26.32 -6.43
CA ALA A 32 35.74 27.78 -6.46
C ALA A 32 36.41 28.40 -5.23
N LYS A 33 36.85 29.65 -5.36
CA LYS A 33 37.66 30.32 -4.34
C LYS A 33 36.79 31.17 -3.43
N ASP A 34 35.62 31.56 -3.92
CA ASP A 34 34.64 32.28 -3.12
C ASP A 34 33.30 32.22 -3.84
N LEU A 35 32.27 32.84 -3.26
CA LEU A 35 30.94 32.66 -3.79
C LEU A 35 30.80 33.28 -5.18
N THR A 36 31.51 34.38 -5.43
CA THR A 36 31.45 35.01 -6.76
C THR A 36 32.05 34.09 -7.80
N ASP A 37 33.21 33.53 -7.49
CA ASP A 37 33.89 32.59 -8.36
C ASP A 37 32.99 31.38 -8.57
N PHE A 38 32.34 30.94 -7.50
CA PHE A 38 31.47 29.78 -7.56
C PHE A 38 30.37 29.99 -8.61
N ASN A 39 29.70 31.13 -8.54
CA ASN A 39 28.56 31.38 -9.39
C ASN A 39 29.02 31.51 -10.84
N GLN A 40 30.18 32.14 -11.05
CA GLN A 40 30.73 32.30 -12.38
C GLN A 40 31.19 30.96 -12.95
N LYS A 41 31.96 30.20 -12.18
CA LYS A 41 32.49 28.94 -12.62
C LYS A 41 31.35 27.97 -12.91
N SER A 42 30.37 27.93 -12.02
CA SER A 42 29.18 27.09 -12.21
C SER A 42 28.44 27.41 -13.50
N ALA A 43 28.11 28.69 -13.71
CA ALA A 43 27.41 29.13 -14.93
C ALA A 43 28.23 28.80 -16.19
N TYR A 44 29.55 28.99 -16.11
CA TYR A 44 30.44 28.67 -17.21
C TYR A 44 30.45 27.16 -17.53
N TYR A 45 30.61 26.35 -16.49
CA TYR A 45 30.60 24.89 -16.66
C TYR A 45 29.28 24.38 -17.25
N ILE A 46 28.15 24.90 -16.75
CA ILE A 46 26.83 24.53 -17.31
C ILE A 46 26.73 24.90 -18.80
N CYS A 47 27.18 26.08 -19.17
CA CYS A 47 27.15 26.49 -20.58
C CYS A 47 28.07 25.61 -21.43
N HIS A 48 29.21 25.23 -20.88
CA HIS A 48 30.15 24.38 -21.58
C HIS A 48 29.52 23.01 -21.81
N GLN A 49 28.81 22.47 -20.81
CA GLN A 49 28.12 21.21 -20.97
C GLN A 49 27.01 21.31 -22.01
N ILE A 50 26.22 22.38 -21.96
CA ILE A 50 25.12 22.51 -22.91
C ILE A 50 25.68 22.54 -24.33
N ALA A 51 26.74 23.32 -24.54
CA ALA A 51 27.36 23.48 -25.86
C ALA A 51 27.99 22.17 -26.36
N GLU A 52 28.70 21.44 -25.49
CA GLU A 52 29.25 20.14 -25.86
CA GLU A 52 29.25 20.14 -25.88
C GLU A 52 28.10 19.18 -26.22
N LYS A 53 27.05 19.17 -25.42
CA LYS A 53 25.92 18.29 -25.72
C LYS A 53 25.22 18.67 -27.03
N GLN A 54 24.99 19.97 -27.24
CA GLN A 54 24.26 20.44 -28.42
C GLN A 54 25.03 20.09 -29.70
N LEU A 55 26.34 20.20 -29.61
CA LEU A 55 27.25 19.98 -30.74
C LEU A 55 27.25 18.50 -31.19
N SER A 56 26.91 17.60 -30.28
CA SER A 56 26.88 16.17 -30.58
C SER A 56 25.49 15.57 -30.70
N LYS A 57 24.44 16.39 -30.54
CA LYS A 57 23.06 15.87 -30.56
C LYS A 57 22.40 16.17 -31.90
N GLU A 58 22.01 15.13 -32.62
CA GLU A 58 21.36 15.33 -33.90
C GLU A 58 20.08 16.18 -33.66
N GLY A 59 19.99 17.35 -34.28
CA GLY A 59 18.84 18.25 -34.06
C GLY A 59 19.08 19.38 -33.06
N GLY A 60 20.15 19.24 -32.27
CA GLY A 60 20.58 20.28 -31.30
C GLY A 60 19.74 20.45 -30.03
N HIS A 61 18.76 19.59 -29.79
CA HIS A 61 17.73 19.81 -28.74
C HIS A 61 18.13 19.30 -27.35
N VAL A 62 19.06 19.99 -26.71
CA VAL A 62 19.55 19.63 -25.37
C VAL A 62 18.46 19.80 -24.30
N VAL A 63 18.27 18.74 -23.52
CA VAL A 63 17.29 18.71 -22.45
C VAL A 63 17.97 18.95 -21.08
N ILE A 64 17.56 20.03 -20.42
CA ILE A 64 18.17 20.52 -19.19
C ILE A 64 17.10 20.58 -18.07
N GLY A 65 17.36 19.86 -16.97
CA GLY A 65 16.50 19.91 -15.78
C GLY A 65 17.02 20.94 -14.81
N LEU A 66 16.12 21.79 -14.31
CA LEU A 66 16.49 22.88 -13.39
C LEU A 66 15.89 22.65 -12.02
N SER A 67 16.73 22.79 -11.00
CA SER A 67 16.28 22.97 -9.61
C SER A 67 16.09 24.44 -9.22
N GLY A 68 15.22 24.67 -8.24
CA GLY A 68 15.11 25.98 -7.65
C GLY A 68 16.01 26.14 -6.42
N GLY A 69 15.73 27.20 -5.65
CA GLY A 69 16.49 27.54 -4.47
C GLY A 69 17.50 28.62 -4.76
N LYS A 70 18.00 29.25 -3.71
CA LYS A 70 18.92 30.36 -3.85
C LYS A 70 20.19 29.98 -4.58
N THR A 71 20.75 28.81 -4.28
CA THR A 71 22.08 28.47 -4.84
C THR A 71 22.04 28.34 -6.37
N PRO A 72 21.10 27.55 -6.90
CA PRO A 72 20.90 27.48 -8.36
C PRO A 72 20.49 28.81 -8.99
N ILE A 73 19.61 29.56 -8.35
CA ILE A 73 19.22 30.89 -8.86
C ILE A 73 20.40 31.84 -9.07
N ASP A 74 21.30 31.95 -8.09
CA ASP A 74 22.47 32.84 -8.22
C ASP A 74 23.46 32.35 -9.32
N VAL A 75 23.48 31.06 -9.58
CA VAL A 75 24.19 30.52 -10.74
C VAL A 75 23.45 30.92 -12.06
N TYR A 76 22.15 30.68 -12.13
CA TYR A 76 21.37 31.02 -13.32
C TYR A 76 21.53 32.49 -13.71
N LYS A 77 21.56 33.37 -12.71
CA LYS A 77 21.80 34.81 -12.95
C LYS A 77 23.09 35.09 -13.74
N ASN A 78 24.05 34.17 -13.66
CA ASN A 78 25.36 34.38 -14.34
C ASN A 78 25.41 33.73 -15.71
N ILE A 79 24.41 32.92 -16.05
CA ILE A 79 24.38 32.26 -17.34
C ILE A 79 24.33 33.26 -18.51
N ALA A 80 23.45 34.24 -18.41
CA ALA A 80 23.45 35.44 -19.27
C ALA A 80 24.84 36.01 -19.58
N LEU A 81 25.66 36.13 -18.54
CA LEU A 81 26.98 36.73 -18.65
C LEU A 81 27.97 35.96 -19.54
N VAL A 82 27.70 34.68 -19.82
CA VAL A 82 28.70 33.82 -20.45
C VAL A 82 28.71 34.08 -21.95
N LYS A 83 29.86 34.51 -22.48
CA LYS A 83 29.89 35.10 -23.84
C LYS A 83 30.78 34.37 -24.87
N ASP A 84 31.73 33.57 -24.40
CA ASP A 84 32.68 32.93 -25.31
CA ASP A 84 32.69 32.91 -25.28
C ASP A 84 32.23 31.50 -25.67
N ILE A 85 31.00 31.14 -25.28
CA ILE A 85 30.45 29.81 -25.59
C ILE A 85 29.23 29.92 -26.48
N LYS A 86 29.30 29.28 -27.64
CA LYS A 86 28.25 29.38 -28.65
C LYS A 86 27.14 28.36 -28.36
N ILE A 87 25.93 28.86 -28.09
CA ILE A 87 24.77 27.99 -27.84
C ILE A 87 23.56 28.49 -28.60
N ASP A 88 22.87 27.60 -29.30
CA ASP A 88 21.61 27.95 -29.96
C ASP A 88 20.41 27.76 -29.03
N THR A 89 20.00 28.85 -28.41
CA THR A 89 19.03 28.78 -27.30
C THR A 89 17.63 28.39 -27.78
N SER A 90 17.38 28.53 -29.08
CA SER A 90 16.06 28.19 -29.65
C SER A 90 15.83 26.72 -29.70
N LYS A 91 16.91 25.93 -29.60
CA LYS A 91 16.81 24.49 -29.61
C LYS A 91 16.82 23.84 -28.22
N LEU A 92 17.00 24.64 -27.17
CA LEU A 92 17.05 24.10 -25.79
C LEU A 92 15.67 23.65 -25.32
N ILE A 93 15.64 22.59 -24.52
CA ILE A 93 14.43 22.09 -23.87
C ILE A 93 14.68 22.09 -22.33
N PHE A 94 13.78 22.70 -21.58
CA PHE A 94 13.93 22.81 -20.11
C PHE A 94 12.78 22.09 -19.45
N PHE A 95 13.02 21.58 -18.23
CA PHE A 95 11.96 21.10 -17.38
C PHE A 95 12.30 21.35 -15.95
N ILE A 96 11.27 21.46 -15.13
CA ILE A 96 11.40 21.70 -13.72
C ILE A 96 11.57 20.35 -13.05
N ILE A 97 12.69 20.21 -12.37
CA ILE A 97 13.05 18.98 -11.69
C ILE A 97 12.09 18.70 -10.50
N ASP A 98 11.76 19.74 -9.76
CA ASP A 98 10.81 19.60 -8.67
C ASP A 98 10.15 20.94 -8.33
N GLU A 99 8.95 20.86 -7.80
CA GLU A 99 8.16 22.06 -7.50
C GLU A 99 7.49 21.98 -6.12
N ARG A 100 7.46 23.11 -5.43
CA ARG A 100 6.72 23.27 -4.17
C ARG A 100 5.29 23.66 -4.48
N TYR A 101 4.37 22.75 -4.20
CA TYR A 101 3.01 22.87 -4.69
C TYR A 101 2.19 23.73 -3.74
N LYS A 102 1.56 24.75 -4.28
CA LYS A 102 0.55 25.51 -3.55
C LYS A 102 -0.50 25.91 -4.55
N ARG A 103 -1.67 25.28 -4.55
CA ARG A 103 -2.64 25.52 -5.62
C ARG A 103 -3.08 27.00 -5.67
N ASP A 104 -3.09 27.66 -4.52
CA ASP A 104 -3.77 28.95 -4.34
C ASP A 104 -2.82 30.16 -4.38
N ASP A 105 -1.52 29.92 -4.44
CA ASP A 105 -0.57 31.03 -4.53
C ASP A 105 0.76 30.50 -5.04
N HIS A 106 1.17 30.95 -6.23
CA HIS A 106 2.37 30.41 -6.88
C HIS A 106 3.57 31.33 -6.79
N LYS A 107 3.38 32.46 -6.13
CA LYS A 107 4.39 33.55 -5.99
C LYS A 107 5.84 33.07 -5.66
N PHE A 108 5.99 32.14 -4.76
CA PHE A 108 7.37 31.75 -4.37
C PHE A 108 7.79 30.39 -4.96
N SER A 109 7.10 29.96 -6.01
CA SER A 109 7.38 28.66 -6.58
C SER A 109 8.75 28.66 -7.24
N ASN A 110 9.28 27.47 -7.49
CA ASN A 110 10.57 27.35 -8.18
C ASN A 110 10.51 27.94 -9.60
N TYR A 111 9.50 27.54 -10.37
CA TYR A 111 9.22 28.15 -11.65
C TYR A 111 9.24 29.67 -11.64
N ASN A 112 8.48 30.28 -10.72
CA ASN A 112 8.35 31.72 -10.72
C ASN A 112 9.62 32.42 -10.25
N ASN A 113 10.39 31.72 -9.41
CA ASN A 113 11.71 32.20 -8.98
C ASN A 113 12.84 32.03 -9.98
N ILE A 114 12.68 31.14 -10.95
CA ILE A 114 13.74 30.94 -11.94
C ILE A 114 13.38 31.41 -13.37
N LYS A 115 12.12 31.84 -13.58
CA LYS A 115 11.65 32.16 -14.91
C LYS A 115 12.35 33.37 -15.55
N PHE A 116 13.03 34.20 -14.75
CA PHE A 116 13.87 35.27 -15.30
C PHE A 116 14.92 34.68 -16.27
N LEU A 117 15.37 33.45 -15.99
CA LEU A 117 16.35 32.79 -16.86
C LEU A 117 15.78 32.59 -18.25
N PHE A 118 14.53 32.15 -18.34
CA PHE A 118 13.90 31.92 -19.65
C PHE A 118 13.77 33.24 -20.41
N GLU A 119 13.41 34.30 -19.69
CA GLU A 119 13.35 35.63 -20.31
C GLU A 119 14.74 36.13 -20.78
N SER A 120 15.78 35.94 -19.96
CA SER A 120 17.14 36.28 -20.35
C SER A 120 17.60 35.60 -21.63
N LEU A 121 17.22 34.33 -21.80
CA LEU A 121 17.65 33.54 -22.95
C LEU A 121 16.63 33.60 -24.10
N LYS A 122 15.59 34.41 -23.92
CA LYS A 122 14.57 34.60 -24.93
C LYS A 122 13.91 33.27 -25.34
N ILE A 123 13.59 32.48 -24.32
CA ILE A 123 13.01 31.16 -24.48
C ILE A 123 11.50 31.26 -24.67
N ASN A 124 11.00 30.57 -25.69
CA ASN A 124 9.59 30.34 -25.89
C ASN A 124 9.11 29.21 -24.95
N GLU A 125 8.49 29.57 -23.82
CA GLU A 125 8.14 28.59 -22.79
C GLU A 125 7.09 27.59 -23.25
N LYS A 126 6.10 28.04 -24.00
CA LYS A 126 5.08 27.16 -24.57
C LYS A 126 5.71 26.00 -25.38
N GLU A 127 6.78 26.31 -26.09
CA GLU A 127 7.44 25.32 -26.95
C GLU A 127 8.65 24.62 -26.30
N GLN A 128 9.24 25.22 -25.30
CA GLN A 128 10.56 24.78 -24.83
C GLN A 128 10.60 24.39 -23.34
N LEU A 129 9.53 24.65 -22.61
CA LEU A 129 9.50 24.41 -21.16
C LEU A 129 8.41 23.43 -20.76
N TYR A 130 8.80 22.37 -20.05
CA TYR A 130 7.86 21.48 -19.38
C TYR A 130 7.85 21.82 -17.90
N ARG A 131 6.67 22.04 -17.34
CA ARG A 131 6.54 22.29 -15.90
C ARG A 131 5.16 21.83 -15.45
N PRO A 132 5.00 21.54 -14.17
CA PRO A 132 3.69 21.10 -13.69
C PRO A 132 2.65 22.22 -13.71
N ASP A 133 1.41 21.85 -13.99
CA ASP A 133 0.28 22.79 -13.88
C ASP A 133 -0.24 22.76 -12.46
N THR A 134 0.30 23.64 -11.65
CA THR A 134 -0.02 23.72 -10.25
C THR A 134 -1.33 24.45 -9.93
N SER A 135 -2.09 24.80 -10.98
CA SER A 135 -3.50 25.18 -10.82
C SER A 135 -4.43 23.97 -10.66
N LYS A 136 -3.98 22.77 -11.05
CA LYS A 136 -4.78 21.56 -10.88
C LYS A 136 -4.68 21.06 -9.44
N ASN A 137 -5.58 20.15 -9.07
CA ASN A 137 -5.46 19.44 -7.80
C ASN A 137 -4.24 18.55 -7.85
N ILE A 138 -3.74 18.18 -6.69
CA ILE A 138 -2.43 17.51 -6.60
C ILE A 138 -2.40 16.23 -7.40
N VAL A 139 -3.47 15.44 -7.32
CA VAL A 139 -3.53 14.18 -8.04
C VAL A 139 -3.44 14.43 -9.56
N GLU A 140 -4.28 15.33 -10.08
CA GLU A 140 -4.25 15.60 -11.53
C GLU A 140 -2.97 16.30 -11.96
N CYS A 141 -2.42 17.13 -11.08
CA CYS A 141 -1.18 17.85 -11.37
C CYS A 141 -0.05 16.83 -11.59
N VAL A 142 0.07 15.89 -10.67
CA VAL A 142 1.08 14.85 -10.76
C VAL A 142 0.91 13.96 -12.01
N ARG A 143 -0.30 13.44 -12.23
CA ARG A 143 -0.56 12.56 -13.35
C ARG A 143 -0.32 13.31 -14.67
N ASP A 144 -0.73 14.56 -14.72
CA ASP A 144 -0.52 15.39 -15.91
C ASP A 144 0.95 15.61 -16.20
N TYR A 145 1.74 15.95 -15.17
CA TYR A 145 3.18 16.25 -15.38
C TYR A 145 3.92 14.95 -15.72
N ASN A 146 3.49 13.84 -15.10
CA ASN A 146 3.99 12.53 -15.46
C ASN A 146 3.93 12.29 -16.97
N GLU A 147 2.75 12.49 -17.57
CA GLU A 147 2.56 12.22 -19.01
C GLU A 147 3.37 13.18 -19.85
N LYS A 148 3.48 14.42 -19.39
CA LYS A 148 4.30 15.43 -20.09
C LYS A 148 5.79 15.10 -20.08
N ILE A 149 6.32 14.66 -18.95
CA ILE A 149 7.70 14.25 -18.91
C ILE A 149 7.91 12.99 -19.73
N LYS A 150 6.99 12.04 -19.62
CA LYS A 150 6.99 10.85 -20.51
C LYS A 150 7.18 11.25 -21.97
N ASN A 151 6.35 12.19 -22.44
CA ASN A 151 6.38 12.66 -23.83
C ASN A 151 7.68 13.37 -24.20
N MSE A 152 8.18 14.18 -23.27
CA MSE A 152 9.49 14.79 -23.42
C MSE A 152 10.59 13.76 -23.67
O MSE A 152 11.40 13.93 -24.59
CB MSE A 152 9.82 15.62 -22.19
CG MSE A 152 11.11 16.44 -22.33
SE MSE A 152 11.59 17.24 -20.59
CE MSE A 152 12.37 15.64 -19.82
N VAL A 153 10.62 12.70 -22.86
CA VAL A 153 11.64 11.68 -22.97
C VAL A 153 11.48 10.87 -24.28
N LYS A 154 10.25 10.59 -24.68
CA LYS A 154 9.99 9.97 -25.98
C LYS A 154 10.49 10.87 -27.12
N LYS A 155 10.11 12.14 -27.08
CA LYS A 155 10.46 13.07 -28.14
C LYS A 155 11.97 13.36 -28.20
N TYR A 156 12.60 13.54 -27.04
CA TYR A 156 13.99 14.01 -26.99
C TYR A 156 14.98 12.98 -26.47
N THR A 157 14.48 11.76 -26.22
CA THR A 157 15.28 10.56 -25.88
C THR A 157 15.65 10.48 -24.41
N LYS A 158 16.27 11.52 -23.89
CA LYS A 158 16.67 11.53 -22.49
C LYS A 158 17.03 12.92 -22.01
N VAL A 159 17.23 13.03 -20.71
CA VAL A 159 17.74 14.21 -20.09
C VAL A 159 19.23 14.30 -20.30
N ASP A 160 19.70 15.43 -20.77
CA ASP A 160 21.11 15.61 -21.01
C ASP A 160 21.84 16.14 -19.78
N ILE A 161 21.23 17.10 -19.13
CA ILE A 161 21.87 17.79 -18.01
C ILE A 161 20.85 18.01 -16.90
N ALA A 162 21.20 17.64 -15.68
CA ALA A 162 20.36 17.90 -14.50
C ALA A 162 21.15 18.74 -13.55
N ILE A 163 20.61 19.92 -13.21
CA ILE A 163 21.23 20.80 -12.22
CA ILE A 163 21.24 20.80 -12.22
C ILE A 163 20.55 20.65 -10.85
N LEU A 164 21.35 20.28 -9.84
CA LEU A 164 20.85 19.82 -8.57
C LEU A 164 21.55 20.45 -7.36
N GLY A 165 20.85 20.49 -6.25
CA GLY A 165 21.47 20.74 -4.94
C GLY A 165 21.19 19.60 -3.96
N MSE A 166 21.57 19.79 -2.71
CA MSE A 166 21.31 18.75 -1.71
C MSE A 166 21.06 19.39 -0.40
O MSE A 166 21.79 20.31 -0.01
CB MSE A 166 22.50 17.76 -1.60
CG MSE A 166 22.20 16.56 -0.72
SE MSE A 166 23.58 15.16 -0.70
CE MSE A 166 24.73 15.97 0.64
N GLY A 167 20.05 18.93 0.30
CA GLY A 167 19.68 19.52 1.58
C GLY A 167 20.32 18.80 2.73
N SER A 168 20.06 19.29 3.93
CA SER A 168 20.74 18.79 5.14
C SER A 168 20.26 17.40 5.58
N ASP A 169 19.12 16.96 5.04
CA ASP A 169 18.62 15.60 5.15
C ASP A 169 19.00 14.66 3.98
N PHE A 170 19.97 15.10 3.17
CA PHE A 170 20.45 14.35 2.00
C PHE A 170 19.48 14.26 0.85
N HIS A 171 18.36 15.01 0.91
CA HIS A 171 17.42 15.01 -0.21
C HIS A 171 17.98 15.77 -1.40
N ILE A 172 17.58 15.36 -2.58
CA ILE A 172 17.84 16.11 -3.81
C ILE A 172 16.50 16.26 -4.53
N ALA A 173 16.39 17.22 -5.44
CA ALA A 173 15.08 17.48 -6.05
C ALA A 173 14.04 17.64 -4.93
N SER A 174 12.88 16.98 -5.04
CA SER A 174 12.03 16.71 -3.86
C SER A 174 11.89 15.20 -3.58
N LEU A 175 13.00 14.50 -3.75
CA LEU A 175 13.13 13.12 -3.37
C LEU A 175 13.64 13.04 -1.91
N PHE A 176 12.69 12.95 -0.99
CA PHE A 176 12.96 13.01 0.46
C PHE A 176 13.12 11.59 1.00
N PRO A 177 14.24 11.32 1.69
CA PRO A 177 14.37 10.04 2.41
C PRO A 177 13.21 9.84 3.36
N ASN A 178 12.70 8.62 3.52
CA ASN A 178 13.04 7.44 2.70
C ASN A 178 12.21 7.51 1.43
N ILE A 179 12.88 7.54 0.29
CA ILE A 179 12.25 7.86 -0.98
C ILE A 179 11.21 6.82 -1.33
N PHE A 180 11.52 5.56 -1.04
CA PHE A 180 10.54 4.48 -1.29
C PHE A 180 9.30 4.60 -0.39
N PHE A 181 9.48 4.83 0.90
CA PHE A 181 8.33 4.92 1.78
C PHE A 181 7.48 6.14 1.42
N ASN A 182 8.16 7.26 1.16
CA ASN A 182 7.51 8.53 0.91
C ASN A 182 6.74 8.47 -0.41
N ILE A 183 7.38 7.99 -1.48
CA ILE A 183 6.67 7.77 -2.72
C ILE A 183 5.55 6.76 -2.60
N TYR A 184 5.80 5.61 -1.97
CA TYR A 184 4.76 4.60 -1.91
C TYR A 184 3.51 5.12 -1.16
N MSE A 185 3.72 5.68 0.02
CA MSE A 185 2.64 6.10 0.85
C MSE A 185 1.87 7.26 0.20
O MSE A 185 0.67 7.35 0.35
CB MSE A 185 3.16 6.48 2.24
CG MSE A 185 3.77 5.32 3.00
SE MSE A 185 2.42 3.92 3.43
CE MSE A 185 1.35 4.91 4.71
N ASN A 186 2.57 8.13 -0.53
CA ASN A 186 1.89 9.29 -1.11
C ASN A 186 1.21 9.02 -2.50
N ASN A 187 1.64 7.96 -3.20
CA ASN A 187 1.23 7.76 -4.60
C ASN A 187 0.50 6.42 -4.83
N TYR A 188 0.95 5.36 -4.16
CA TYR A 188 0.49 4.01 -4.45
C TYR A 188 -0.44 3.48 -3.39
N GLN A 189 -0.25 3.85 -2.15
CA GLN A 189 -1.17 3.43 -1.12
C GLN A 189 -2.60 3.91 -1.48
N ASN A 190 -3.54 2.97 -1.46
CA ASN A 190 -4.93 3.25 -1.81
C ASN A 190 -5.06 3.70 -3.26
N SER A 191 -4.04 3.41 -4.06
CA SER A 191 -4.00 3.80 -5.48
C SER A 191 -4.33 5.29 -5.62
N TYR A 192 -3.84 6.10 -4.69
CA TYR A 192 -4.20 7.51 -4.64
C TYR A 192 -3.79 8.24 -5.94
N ILE A 193 -2.60 7.94 -6.45
CA ILE A 193 -2.17 8.55 -7.70
C ILE A 193 -1.93 7.55 -8.80
N TYR A 194 -1.22 6.47 -8.49
CA TYR A 194 -1.01 5.35 -9.43
C TYR A 194 -1.54 4.03 -8.85
N ASP A 195 -1.88 3.11 -9.74
CA ASP A 195 -2.45 1.80 -9.40
C ASP A 195 -1.52 0.97 -8.50
N GLU A 196 -1.98 0.67 -7.30
CA GLU A 196 -1.20 -0.15 -6.36
C GLU A 196 -1.00 -1.60 -6.86
N SER A 197 -1.96 -2.12 -7.63
CA SER A 197 -1.86 -3.47 -8.20
C SER A 197 -0.61 -3.61 -9.06
N SER A 198 -0.05 -2.48 -9.50
CA SER A 198 1.16 -2.49 -10.30
C SER A 198 2.42 -2.93 -9.53
N ILE A 199 2.41 -2.78 -8.21
CA ILE A 199 3.64 -2.94 -7.43
C ILE A 199 3.50 -3.99 -6.32
N LYS A 200 4.49 -4.87 -6.23
CA LYS A 200 4.60 -5.82 -5.12
C LYS A 200 5.84 -5.57 -4.25
N VAL A 201 5.68 -4.68 -3.27
CA VAL A 201 6.59 -4.54 -2.12
C VAL A 201 6.91 -5.87 -1.40
N ALA A 202 8.19 -6.17 -1.22
CA ALA A 202 8.62 -7.07 -0.14
C ALA A 202 9.17 -6.27 1.05
N ASN A 203 9.27 -6.94 2.21
CA ASN A 203 9.41 -6.24 3.49
C ASN A 203 10.83 -6.26 4.03
N THR A 207 13.50 -8.09 0.66
CA THR A 207 14.14 -7.34 -0.42
C THR A 207 14.52 -5.91 0.01
N SER A 208 15.71 -5.47 -0.39
CA SER A 208 16.24 -4.17 0.02
C SER A 208 15.33 -3.03 -0.43
N ASP A 209 15.48 -1.87 0.21
CA ASP A 209 14.80 -0.66 -0.24
C ASP A 209 15.22 -0.38 -1.69
N ASN A 210 16.49 -0.62 -2.01
CA ASN A 210 16.99 -0.35 -3.36
C ASN A 210 16.20 -1.11 -4.43
N ASP A 211 15.95 -2.39 -4.14
CA ASP A 211 15.24 -3.24 -5.06
C ASP A 211 13.76 -2.85 -5.11
N ASN A 212 13.20 -2.47 -3.96
CA ASN A 212 11.84 -1.95 -3.93
C ASN A 212 11.68 -0.62 -4.74
N LEU A 213 12.63 0.29 -4.64
CA LEU A 213 12.51 1.51 -5.42
C LEU A 213 12.56 1.22 -6.94
N ASP A 214 13.31 0.20 -7.33
CA ASP A 214 13.31 -0.30 -8.71
C ASP A 214 11.91 -0.55 -9.27
N LEU A 215 10.95 -0.84 -8.42
CA LEU A 215 9.62 -1.24 -8.88
C LEU A 215 8.81 -0.03 -9.32
N LEU A 216 9.22 1.16 -8.92
CA LEU A 216 8.41 2.33 -9.16
C LEU A 216 8.86 2.96 -10.48
N LYS A 217 7.97 2.94 -11.46
CA LYS A 217 8.37 3.08 -12.86
C LYS A 217 7.93 4.43 -13.47
N GLU A 218 7.26 5.27 -12.71
CA GLU A 218 6.76 6.54 -13.24
C GLU A 218 7.85 7.60 -13.27
N TYR A 219 7.57 8.71 -13.98
CA TYR A 219 8.52 9.79 -14.16
C TYR A 219 8.35 10.90 -13.13
N VAL A 220 7.14 11.02 -12.59
CA VAL A 220 6.80 12.09 -11.69
C VAL A 220 6.00 11.55 -10.52
N TYR A 221 6.33 12.01 -9.32
CA TYR A 221 5.65 11.59 -8.09
C TYR A 221 5.29 12.77 -7.19
N PHE A 222 4.29 12.54 -6.37
CA PHE A 222 3.94 13.39 -5.21
C PHE A 222 4.82 12.99 -4.02
N THR A 223 5.51 13.94 -3.42
CA THR A 223 6.21 13.67 -2.16
C THR A 223 5.90 14.72 -1.15
N THR A 224 6.19 14.44 0.12
CA THR A 224 5.90 15.36 1.18
C THR A 224 7.09 15.60 2.11
N THR A 225 7.11 16.83 2.61
CA THR A 225 8.04 17.26 3.64
C THR A 225 7.30 18.10 4.70
N ASN A 226 8.02 18.88 5.50
CA ASN A 226 7.37 19.63 6.57
C ASN A 226 6.64 20.86 6.00
N ASN A 227 5.69 21.37 6.77
CA ASN A 227 4.80 22.43 6.32
C ASN A 227 5.53 23.76 6.15
N PHE A 228 6.53 24.01 6.98
CA PHE A 228 7.32 25.25 6.82
C PHE A 228 7.98 25.32 5.43
N ASP A 229 8.49 24.18 4.93
CA ASP A 229 9.23 24.14 3.68
C ASP A 229 8.33 23.92 2.46
N VAL A 230 7.01 23.94 2.70
CA VAL A 230 5.96 23.65 1.73
C VAL A 230 5.75 22.14 1.63
N ARG A 231 4.69 21.69 2.30
CA ARG A 231 4.50 20.26 2.59
C ARG A 231 4.39 19.40 1.32
N LYS A 232 3.63 19.88 0.34
CA LYS A 232 3.33 19.10 -0.89
C LYS A 232 4.31 19.45 -2.00
N ARG A 233 4.95 18.41 -2.56
CA ARG A 233 5.95 18.55 -3.61
C ARG A 233 5.66 17.67 -4.81
N ILE A 234 6.16 18.11 -5.95
CA ILE A 234 6.10 17.38 -7.17
C ILE A 234 7.55 17.15 -7.57
N THR A 235 7.93 15.91 -7.85
CA THR A 235 9.31 15.64 -8.22
C THR A 235 9.40 14.67 -9.39
N VAL A 236 10.37 14.88 -10.25
CA VAL A 236 10.77 13.83 -11.16
C VAL A 236 11.41 12.72 -10.37
N SER A 237 11.49 11.56 -10.99
CA SER A 237 11.92 10.35 -10.30
C SER A 237 13.46 10.25 -10.19
N LEU A 238 13.92 9.50 -9.21
CA LEU A 238 15.36 9.25 -9.05
C LEU A 238 15.90 8.55 -10.28
N ASP A 239 15.11 7.62 -10.83
CA ASP A 239 15.51 6.90 -12.06
C ASP A 239 15.76 7.86 -13.22
N LEU A 240 14.86 8.81 -13.43
CA LEU A 240 15.04 9.81 -14.49
C LEU A 240 16.35 10.58 -14.31
N LEU A 241 16.63 11.03 -13.10
CA LEU A 241 17.83 11.80 -12.82
C LEU A 241 19.11 10.97 -12.96
N GLY A 242 19.07 9.72 -12.48
CA GLY A 242 20.22 8.80 -12.65
C GLY A 242 20.55 8.53 -14.11
N ASN A 243 19.55 8.58 -14.98
CA ASN A 243 19.78 8.37 -16.41
CA ASN A 243 19.76 8.37 -16.41
C ASN A 243 20.23 9.63 -17.16
N ALA A 244 20.30 10.76 -16.47
CA ALA A 244 20.80 11.96 -17.09
C ALA A 244 22.27 11.78 -17.50
N SER A 245 22.64 12.33 -18.66
CA SER A 245 24.03 12.19 -19.15
C SER A 245 25.05 12.99 -18.33
N SER A 246 24.58 14.05 -17.69
CA SER A 246 25.41 14.88 -16.81
C SER A 246 24.56 15.32 -15.65
N LYS A 247 25.04 15.06 -14.42
CA LYS A 247 24.46 15.59 -13.20
C LYS A 247 25.43 16.59 -12.60
N ILE A 248 24.95 17.77 -12.26
CA ILE A 248 25.79 18.86 -11.70
C ILE A 248 25.23 19.25 -10.35
N PHE A 249 25.98 18.95 -9.28
CA PHE A 249 25.63 19.42 -7.94
C PHE A 249 26.32 20.73 -7.61
N LEU A 250 25.55 21.63 -7.02
CA LEU A 250 26.05 22.93 -6.61
C LEU A 250 26.21 23.02 -5.10
N LEU A 251 27.43 22.78 -4.60
CA LEU A 251 27.65 22.72 -3.13
C LEU A 251 28.54 23.88 -2.64
N ASN A 252 27.94 25.00 -2.27
CA ASN A 252 28.70 26.24 -2.14
C ASN A 252 28.98 26.71 -0.72
N SER A 253 29.02 25.76 0.23
CA SER A 253 29.41 26.08 1.62
C SER A 253 30.13 24.92 2.28
N THR A 254 30.88 25.20 3.34
CA THR A 254 31.53 24.14 4.12
C THR A 254 30.46 23.17 4.69
N ASP A 255 29.32 23.69 5.11
CA ASP A 255 28.25 22.85 5.61
C ASP A 255 27.81 21.80 4.56
N LYS A 256 27.62 22.25 3.32
CA LYS A 256 27.27 21.33 2.25
C LYS A 256 28.43 20.35 1.94
N LEU A 257 29.67 20.83 1.96
CA LEU A 257 30.81 19.99 1.69
C LEU A 257 31.03 18.96 2.83
N ASP A 258 30.74 19.38 4.05
CA ASP A 258 30.77 18.50 5.21
C ASP A 258 29.74 17.38 5.05
N LEU A 259 28.54 17.76 4.68
CA LEU A 259 27.45 16.79 4.43
C LEU A 259 27.80 15.77 3.31
N TRP A 260 28.36 16.24 2.21
CA TRP A 260 28.72 15.36 1.09
C TRP A 260 29.78 14.33 1.54
N LYS A 261 30.78 14.79 2.27
CA LYS A 261 31.81 13.92 2.85
C LYS A 261 31.21 12.87 3.80
N ASN A 262 30.33 13.28 4.70
CA ASN A 262 29.71 12.35 5.61
CA ASN A 262 29.67 12.38 5.62
C ASN A 262 28.81 11.36 4.89
N MSE A 263 28.13 11.82 3.84
CA MSE A 263 27.40 10.93 2.96
C MSE A 263 28.30 9.82 2.38
O MSE A 263 27.92 8.63 2.34
CB MSE A 263 26.81 11.71 1.82
CG MSE A 263 25.90 10.90 0.92
SE MSE A 263 25.37 11.91 -0.61
CE MSE A 263 27.11 12.02 -1.53
N LEU A 264 29.44 10.21 1.86
CA LEU A 264 30.37 9.25 1.26
C LEU A 264 30.90 8.28 2.32
N LEU A 265 31.20 8.80 3.50
CA LEU A 265 31.59 7.95 4.61
CA LEU A 265 31.56 7.98 4.65
C LEU A 265 30.52 6.91 4.92
N LYS A 266 29.26 7.34 5.06
CA LYS A 266 28.20 6.46 5.55
C LYS A 266 27.65 5.54 4.47
N SER A 267 27.84 5.92 3.21
CA SER A 267 27.33 5.12 2.11
C SER A 267 28.35 4.11 1.58
N TYR A 268 29.52 4.06 2.17
CA TYR A 268 30.61 3.21 1.65
C TYR A 268 30.19 1.73 1.66
N VAL A 269 29.43 1.32 2.69
CA VAL A 269 28.92 -0.02 2.79
C VAL A 269 27.42 -0.07 2.69
N ASP A 270 26.91 -0.88 1.74
CA ASP A 270 25.48 -1.15 1.63
C ASP A 270 24.62 0.14 1.49
N VAL A 271 25.04 1.03 0.60
CA VAL A 271 24.27 2.27 0.36
C VAL A 271 22.79 1.96 0.12
N ASN A 272 21.94 2.70 0.83
CA ASN A 272 20.54 2.69 0.56
C ASN A 272 20.24 3.95 -0.22
N TYR A 273 19.94 3.80 -1.49
CA TYR A 273 19.72 4.94 -2.38
C TYR A 273 18.45 5.71 -2.01
N CYS A 274 17.55 5.06 -1.26
CA CYS A 274 16.36 5.72 -0.75
C CYS A 274 16.71 6.73 0.36
N LEU A 275 17.92 6.62 0.91
CA LEU A 275 18.37 7.50 1.98
C LEU A 275 19.47 8.48 1.53
N TYR A 276 20.24 8.07 0.52
CA TYR A 276 21.32 8.89 -0.01
C TYR A 276 21.19 8.93 -1.55
N PRO A 277 20.16 9.62 -2.05
CA PRO A 277 19.90 9.60 -3.50
C PRO A 277 21.01 10.15 -4.34
N ALA A 278 21.79 11.10 -3.82
CA ALA A 278 22.96 11.59 -4.57
C ALA A 278 23.91 10.46 -4.96
N VAL A 279 24.00 9.42 -4.13
CA VAL A 279 24.93 8.30 -4.41
C VAL A 279 24.48 7.42 -5.57
N TYR A 280 23.16 7.30 -5.75
CA TYR A 280 22.60 6.70 -6.95
C TYR A 280 23.06 7.43 -8.20
N LEU A 281 23.07 8.77 -8.16
CA LEU A 281 23.58 9.57 -9.29
C LEU A 281 25.06 9.34 -9.52
N ILE A 282 25.86 9.36 -8.44
CA ILE A 282 27.28 9.06 -8.53
C ILE A 282 27.50 7.70 -9.20
N ASP A 283 26.80 6.69 -8.71
CA ASP A 283 26.99 5.34 -9.19
C ASP A 283 26.50 5.20 -10.63
N SER A 284 25.59 6.07 -11.05
CA SER A 284 25.12 6.11 -12.44
C SER A 284 26.07 6.82 -13.40
N MSE A 285 27.14 7.39 -12.86
CA MSE A 285 28.24 7.97 -13.64
CA MSE A 285 28.24 7.99 -13.63
C MSE A 285 27.94 9.41 -14.06
O MSE A 285 26.80 9.83 -14.07
CB MSE A 285 28.57 7.12 -14.88
CB MSE A 285 28.59 7.14 -14.85
CG MSE A 285 28.85 5.65 -14.57
CG MSE A 285 28.98 5.72 -14.51
SE MSE A 285 30.41 5.48 -13.43
SE MSE A 285 30.02 4.94 -15.92
CE MSE A 285 31.77 5.71 -14.83
CE MSE A 285 31.67 5.99 -15.71
N ASN A 286 29.00 10.16 -14.40
CA ASN A 286 28.89 11.52 -14.96
C ASN A 286 28.29 12.56 -14.00
N THR A 287 28.58 12.39 -12.71
CA THR A 287 28.26 13.38 -11.73
C THR A 287 29.45 14.32 -11.51
N THR A 288 29.18 15.62 -11.55
CA THR A 288 30.15 16.68 -11.28
C THR A 288 29.63 17.43 -10.09
N VAL A 289 30.55 17.84 -9.20
CA VAL A 289 30.25 18.68 -8.05
C VAL A 289 31.09 19.93 -8.14
N VAL A 290 30.44 21.09 -8.11
CA VAL A 290 31.12 22.36 -7.98
C VAL A 290 31.08 22.73 -6.50
N THR A 291 32.21 23.19 -5.97
CA THR A 291 32.43 23.28 -4.53
C THR A 291 32.90 24.67 -4.17
N CYS A 292 32.52 25.15 -2.99
CA CYS A 292 33.12 26.35 -2.40
C CYS A 292 33.06 26.24 -0.89
N GLY A 293 34.18 26.53 -0.24
CA GLY A 293 34.28 26.40 1.21
C GLY A 293 35.62 25.82 1.66
N TYR A 294 36.09 24.79 0.96
CA TYR A 294 37.35 24.12 1.33
C TYR A 294 38.34 24.15 0.17
N THR A 295 39.57 24.55 0.44
CA THR A 295 40.65 24.43 -0.52
C THR A 295 41.13 22.97 -0.57
N ASN A 296 41.46 22.50 -1.76
CA ASN A 296 41.81 21.11 -1.98
C ASN A 296 40.83 20.12 -1.32
N TYR A 297 39.54 20.35 -1.55
CA TYR A 297 38.51 19.50 -0.99
C TYR A 297 38.67 18.00 -1.34
N PRO A 298 39.03 17.67 -2.61
CA PRO A 298 39.15 16.26 -3.00
C PRO A 298 40.25 15.48 -2.22
N GLN A 299 41.25 16.19 -1.71
CA GLN A 299 42.22 15.60 -0.78
C GLN A 299 41.58 15.25 0.55
N MSE A 300 40.72 16.13 1.05
CA MSE A 300 39.96 15.83 2.26
C MSE A 300 39.13 14.56 2.11
O MSE A 300 38.89 13.85 3.10
CB MSE A 300 39.04 16.99 2.63
CG MSE A 300 39.78 18.26 2.96
SE MSE A 300 38.61 19.76 3.19
CE MSE A 300 37.28 18.93 4.32
N LEU A 301 38.68 14.27 0.90
CA LEU A 301 37.85 13.08 0.65
C LEU A 301 38.71 11.83 0.50
N GLU A 302 39.85 11.96 -0.18
CA GLU A 302 40.78 10.84 -0.39
C GLU A 302 41.30 10.31 0.95
N ASP A 303 41.46 11.23 1.90
CA ASP A 303 41.86 10.87 3.26
C ASP A 303 40.89 9.92 3.95
N ILE A 304 39.61 9.94 3.57
CA ILE A 304 38.62 8.99 4.14
C ILE A 304 38.67 7.65 3.41
N TYR A 305 39.21 7.66 2.21
CA TYR A 305 39.42 6.44 1.44
C TYR A 305 40.86 5.97 1.58
N MSE B 9 31.59 16.75 42.55
CA MSE B 9 30.20 17.22 42.31
C MSE B 9 29.65 17.95 43.53
O MSE B 9 29.69 17.45 44.64
CB MSE B 9 29.29 16.03 41.98
CG MSE B 9 27.96 16.43 41.34
SE MSE B 9 26.56 15.08 41.54
CE MSE B 9 26.94 14.00 39.94
N ASP B 10 29.14 19.16 43.30
CA ASP B 10 28.67 20.00 44.41
C ASP B 10 27.13 20.03 44.48
N CYS B 11 26.56 19.15 45.31
CA CYS B 11 25.10 18.96 45.36
C CYS B 11 24.37 20.20 45.89
N GLN B 12 25.09 21.08 46.58
CA GLN B 12 24.51 22.29 47.12
C GLN B 12 24.18 23.31 46.03
N ALA B 13 25.17 23.62 45.19
CA ALA B 13 24.96 24.46 44.01
C ALA B 13 23.98 23.83 43.02
N LEU B 14 24.10 22.52 42.80
CA LEU B 14 23.21 21.79 41.88
C LEU B 14 21.73 21.92 42.27
N ALA B 15 21.42 21.84 43.55
CA ALA B 15 20.02 21.94 44.00
C ALA B 15 19.41 23.30 43.67
N LYS B 16 20.23 24.36 43.72
CA LYS B 16 19.74 25.69 43.38
C LYS B 16 19.54 25.82 41.89
N SER B 17 20.43 25.20 41.10
CA SER B 17 20.26 25.06 39.66
C SER B 17 18.85 24.67 39.32
N LEU B 18 18.37 23.60 39.95
CA LEU B 18 17.05 23.06 39.63
C LEU B 18 15.95 24.07 39.95
N GLU B 19 16.14 24.85 41.00
CA GLU B 19 15.15 25.87 41.41
C GLU B 19 15.13 27.05 40.44
N GLN B 20 16.19 27.17 39.64
CA GLN B 20 16.42 28.33 38.78
C GLN B 20 16.08 28.06 37.29
N MSE B 21 15.47 26.92 36.98
CA MSE B 21 15.16 26.55 35.58
C MSE B 21 14.24 27.54 34.91
O MSE B 21 13.29 28.02 35.51
CB MSE B 21 14.49 25.18 35.52
CG MSE B 21 15.42 24.08 35.15
SE MSE B 21 14.55 22.37 35.24
CE MSE B 21 14.76 22.04 37.12
N ASN B 22 14.52 27.84 33.65
CA ASN B 22 13.70 28.78 32.89
C ASN B 22 12.57 28.05 32.18
N HIS B 23 11.43 28.71 32.02
CA HIS B 23 10.25 28.14 31.38
C HIS B 23 9.92 28.95 30.13
N LEU B 24 9.72 28.28 29.00
CA LEU B 24 9.27 28.97 27.78
C LEU B 24 8.38 28.04 26.97
N HIS B 25 7.15 28.51 26.72
CA HIS B 25 6.18 27.81 25.85
C HIS B 25 6.06 26.32 26.22
N ASN B 26 5.80 26.09 27.52
CA ASN B 26 5.54 24.75 28.13
C ASN B 26 6.75 23.80 28.18
N VAL B 27 7.95 24.34 27.96
CA VAL B 27 9.18 23.58 28.14
C VAL B 27 10.03 24.21 29.28
N LYS B 28 10.64 23.36 30.08
CA LYS B 28 11.59 23.80 31.11
C LYS B 28 13.00 23.62 30.59
N TYR B 29 13.83 24.63 30.78
CA TYR B 29 15.22 24.58 30.34
C TYR B 29 16.17 24.66 31.52
N LEU B 30 17.09 23.69 31.59
CA LEU B 30 18.11 23.65 32.62
C LEU B 30 19.47 23.85 31.97
N GLU B 31 20.13 24.94 32.31
CA GLU B 31 21.32 25.36 31.57
C GLU B 31 22.64 25.04 32.30
N ALA B 32 23.51 24.31 31.63
CA ALA B 32 24.76 23.86 32.18
C ALA B 32 25.87 24.82 31.74
N LYS B 33 26.89 24.92 32.57
CA LYS B 33 27.95 25.93 32.40
C LYS B 33 28.96 25.45 31.41
N ASP B 34 29.18 24.14 31.41
CA ASP B 34 30.17 23.49 30.57
C ASP B 34 29.81 22.01 30.52
N LEU B 35 30.56 21.23 29.78
CA LEU B 35 30.21 19.83 29.53
C LEU B 35 30.22 18.97 30.79
N THR B 36 31.18 19.24 31.69
CA THR B 36 31.25 18.52 32.96
C THR B 36 30.05 18.85 33.83
N ASP B 37 29.69 20.14 33.89
CA ASP B 37 28.49 20.56 34.60
C ASP B 37 27.20 19.99 33.95
N PHE B 38 27.19 19.90 32.62
CA PHE B 38 26.05 19.27 31.94
C PHE B 38 25.80 17.84 32.46
N ASN B 39 26.85 17.02 32.51
CA ASN B 39 26.73 15.63 32.97
C ASN B 39 26.31 15.53 34.42
N GLN B 40 26.91 16.36 35.28
CA GLN B 40 26.58 16.39 36.69
C GLN B 40 25.20 16.92 36.94
N LYS B 41 24.82 18.03 36.28
CA LYS B 41 23.47 18.60 36.44
C LYS B 41 22.38 17.67 35.95
N SER B 42 22.62 17.03 34.80
CA SER B 42 21.62 16.12 34.22
C SER B 42 21.37 14.92 35.16
N ALA B 43 22.46 14.31 35.64
CA ALA B 43 22.36 13.17 36.55
C ALA B 43 21.71 13.56 37.88
N TYR B 44 22.07 14.74 38.38
CA TYR B 44 21.44 15.27 39.60
C TYR B 44 19.92 15.48 39.47
N TYR B 45 19.50 16.11 38.38
CA TYR B 45 18.10 16.29 38.05
C TYR B 45 17.34 15.01 37.89
N ILE B 46 17.92 14.04 37.19
CA ILE B 46 17.26 12.74 36.97
C ILE B 46 17.10 12.02 38.28
N CYS B 47 18.17 12.01 39.08
CA CYS B 47 18.09 11.39 40.43
C CYS B 47 17.05 11.99 41.33
N HIS B 48 16.97 13.31 41.34
CA HIS B 48 15.98 14.00 42.15
C HIS B 48 14.55 13.78 41.67
N GLN B 49 14.37 13.78 40.36
CA GLN B 49 13.11 13.34 39.78
C GLN B 49 12.71 11.95 40.20
N ILE B 50 13.65 11.00 40.16
CA ILE B 50 13.36 9.64 40.55
C ILE B 50 12.92 9.61 42.03
N ALA B 51 13.70 10.26 42.89
CA ALA B 51 13.45 10.21 44.32
C ALA B 51 12.13 10.87 44.69
N GLU B 52 11.80 11.99 44.07
CA GLU B 52 10.53 12.65 44.36
C GLU B 52 9.38 11.83 43.84
N LYS B 53 9.51 11.27 42.63
CA LYS B 53 8.44 10.42 42.09
C LYS B 53 8.27 9.13 42.88
N GLN B 54 9.35 8.60 43.40
CA GLN B 54 9.23 7.38 44.21
C GLN B 54 8.35 7.62 45.47
N LEU B 55 8.40 8.84 46.02
CA LEU B 55 7.57 9.17 47.19
C LEU B 55 6.08 9.25 46.84
N SER B 56 5.74 9.58 45.59
CA SER B 56 4.33 9.56 45.14
C SER B 56 3.85 8.29 44.38
N LYS B 57 4.76 7.43 43.94
CA LYS B 57 4.41 6.33 43.03
C LYS B 57 4.01 5.07 43.76
N GLU B 58 2.99 4.41 43.21
CA GLU B 58 2.48 3.17 43.76
CA GLU B 58 2.48 3.12 43.73
C GLU B 58 3.60 2.15 44.01
N GLY B 59 3.81 1.81 45.28
CA GLY B 59 4.85 0.83 45.63
C GLY B 59 6.26 1.28 45.31
N GLY B 60 6.45 2.57 45.01
CA GLY B 60 7.78 3.11 44.75
C GLY B 60 8.35 2.73 43.40
N HIS B 61 7.51 2.17 42.53
CA HIS B 61 7.99 1.57 41.32
C HIS B 61 8.10 2.60 40.18
N VAL B 62 9.07 3.48 40.27
CA VAL B 62 9.28 4.50 39.25
C VAL B 62 9.77 3.82 37.95
N VAL B 63 9.09 4.14 36.86
CA VAL B 63 9.39 3.55 35.55
C VAL B 63 10.22 4.54 34.73
N ILE B 64 11.45 4.13 34.43
CA ILE B 64 12.44 4.97 33.74
C ILE B 64 12.84 4.34 32.37
N GLY B 65 12.58 5.08 31.30
CA GLY B 65 13.07 4.72 29.99
C GLY B 65 14.40 5.36 29.68
N LEU B 66 15.29 4.55 29.13
CA LEU B 66 16.65 4.95 28.88
C LEU B 66 17.00 4.88 27.40
N SER B 67 17.63 5.95 26.93
CA SER B 67 18.22 5.96 25.60
C SER B 67 19.72 5.61 25.68
N GLY B 68 20.28 5.16 24.57
CA GLY B 68 21.70 4.95 24.47
C GLY B 68 22.39 6.12 23.81
N GLY B 69 23.64 5.90 23.41
CA GLY B 69 24.43 6.96 22.83
C GLY B 69 25.39 7.56 23.84
N LYS B 70 26.42 8.22 23.34
CA LYS B 70 27.43 8.84 24.22
C LYS B 70 26.83 9.82 25.20
N THR B 71 25.90 10.63 24.75
CA THR B 71 25.44 11.72 25.60
C THR B 71 24.72 11.21 26.86
N PRO B 72 23.69 10.34 26.69
CA PRO B 72 23.09 9.74 27.88
C PRO B 72 24.05 8.88 28.72
N ILE B 73 24.90 8.09 28.07
CA ILE B 73 25.90 7.27 28.77
C ILE B 73 26.78 8.09 29.71
N ASP B 74 27.32 9.22 29.24
CA ASP B 74 28.10 10.09 30.11
C ASP B 74 27.31 10.68 31.28
N VAL B 75 26.00 10.90 31.09
CA VAL B 75 25.13 11.28 32.19
C VAL B 75 24.93 10.11 33.16
N TYR B 76 24.60 8.94 32.60
CA TYR B 76 24.41 7.73 33.45
C TYR B 76 25.62 7.45 34.34
N LYS B 77 26.83 7.66 33.82
CA LYS B 77 28.05 7.50 34.64
C LYS B 77 28.05 8.38 35.91
N ASN B 78 27.34 9.49 35.88
CA ASN B 78 27.30 10.42 37.00
C ASN B 78 26.18 10.13 38.02
N ILE B 79 25.27 9.24 37.67
CA ILE B 79 24.15 8.91 38.55
C ILE B 79 24.63 8.34 39.90
N ALA B 80 25.64 7.47 39.86
CA ALA B 80 26.46 7.09 41.04
C ALA B 80 26.84 8.28 41.95
N LEU B 81 27.39 9.34 41.38
CA LEU B 81 27.95 10.44 42.16
C LEU B 81 26.91 11.13 43.08
N VAL B 82 25.61 10.96 42.80
CA VAL B 82 24.58 11.76 43.50
C VAL B 82 24.16 11.15 44.85
N LYS B 83 24.63 11.76 45.94
CA LYS B 83 24.52 11.16 47.28
C LYS B 83 23.46 11.84 48.15
N ASP B 84 22.97 13.01 47.75
CA ASP B 84 22.17 13.86 48.65
C ASP B 84 20.68 13.50 48.70
N ILE B 85 20.27 12.38 48.10
CA ILE B 85 18.87 11.96 48.22
C ILE B 85 18.70 10.44 48.15
N LYS B 86 17.67 9.96 48.84
CA LYS B 86 17.40 8.53 48.98
C LYS B 86 16.65 8.04 47.76
N ILE B 87 17.18 7.00 47.10
CA ILE B 87 16.41 6.22 46.14
C ILE B 87 16.44 4.76 46.57
N ASP B 88 15.28 4.14 46.62
CA ASP B 88 15.20 2.70 46.82
C ASP B 88 15.38 2.01 45.45
N THR B 89 16.60 1.60 45.13
CA THR B 89 16.90 1.11 43.78
C THR B 89 16.19 -0.21 43.51
N SER B 90 15.80 -0.91 44.58
CA SER B 90 15.19 -2.26 44.43
C SER B 90 13.79 -2.16 43.91
N LYS B 91 13.23 -0.95 43.94
CA LYS B 91 11.87 -0.74 43.52
C LYS B 91 11.76 -0.21 42.07
N LEU B 92 12.87 0.21 41.50
CA LEU B 92 12.89 0.87 40.20
C LEU B 92 12.55 -0.10 39.09
N ILE B 93 11.92 0.42 38.03
CA ILE B 93 11.66 -0.33 36.82
C ILE B 93 12.29 0.43 35.66
N PHE B 94 13.10 -0.29 34.87
CA PHE B 94 13.77 0.29 33.70
C PHE B 94 13.29 -0.36 32.42
N PHE B 95 13.31 0.40 31.33
CA PHE B 95 13.21 -0.16 29.99
C PHE B 95 14.08 0.58 29.00
N ILE B 96 14.36 -0.11 27.90
CA ILE B 96 15.12 0.43 26.78
C ILE B 96 14.18 1.09 25.78
N ILE B 97 14.39 2.38 25.56
CA ILE B 97 13.51 3.17 24.71
C ILE B 97 13.65 2.74 23.24
N ASP B 98 14.88 2.45 22.83
CA ASP B 98 15.11 1.93 21.49
C ASP B 98 16.41 1.15 21.42
N GLU B 99 16.45 0.27 20.46
CA GLU B 99 17.62 -0.56 20.27
C GLU B 99 18.04 -0.67 18.81
N ARG B 100 19.36 -0.77 18.60
CA ARG B 100 19.92 -1.04 17.30
C ARG B 100 20.07 -2.55 17.12
N TYR B 101 19.32 -3.13 16.20
CA TYR B 101 19.14 -4.57 16.11
C TYR B 101 20.19 -5.21 15.19
N LYS B 102 20.94 -6.18 15.73
CA LYS B 102 21.74 -7.10 14.94
C LYS B 102 21.59 -8.45 15.59
N ARG B 103 20.98 -9.38 14.90
CA ARG B 103 20.71 -10.65 15.51
C ARG B 103 22.00 -11.40 15.85
N ASP B 104 23.05 -11.16 15.06
CA ASP B 104 24.25 -11.99 15.07
C ASP B 104 25.42 -11.40 15.88
N ASP B 105 25.29 -10.17 16.36
CA ASP B 105 26.32 -9.55 17.23
C ASP B 105 25.72 -8.39 18.04
N HIS B 106 25.75 -8.51 19.36
CA HIS B 106 25.12 -7.50 20.22
C HIS B 106 26.09 -6.52 20.92
N LYS B 107 27.40 -6.67 20.74
CA LYS B 107 28.31 -5.93 21.61
C LYS B 107 28.21 -4.39 21.49
N PHE B 108 27.76 -3.87 20.37
CA PHE B 108 27.69 -2.38 20.30
C PHE B 108 26.28 -1.84 20.63
N SER B 109 25.41 -2.72 21.15
CA SER B 109 24.01 -2.34 21.39
C SER B 109 23.83 -1.30 22.51
N ASN B 110 22.70 -0.59 22.50
CA ASN B 110 22.41 0.32 23.59
C ASN B 110 22.40 -0.38 24.95
N TYR B 111 21.68 -1.48 25.06
CA TYR B 111 21.66 -2.26 26.29
C TYR B 111 23.04 -2.57 26.78
N ASN B 112 23.89 -3.14 25.92
CA ASN B 112 25.20 -3.53 26.35
C ASN B 112 26.09 -2.37 26.69
N ASN B 113 25.85 -1.21 26.05
CA ASN B 113 26.59 0.03 26.36
C ASN B 113 26.15 0.73 27.63
N ILE B 114 24.94 0.48 28.09
CA ILE B 114 24.43 1.16 29.28
C ILE B 114 24.24 0.24 30.50
N LYS B 115 24.44 -1.07 30.30
CA LYS B 115 24.19 -2.02 31.37
C LYS B 115 25.09 -1.84 32.61
N PHE B 116 26.21 -1.13 32.47
CA PHE B 116 27.00 -0.78 33.64
C PHE B 116 26.16 -0.04 34.67
N LEU B 117 25.15 0.71 34.22
CA LEU B 117 24.28 1.49 35.14
C LEU B 117 23.52 0.54 36.04
N PHE B 118 23.02 -0.55 35.45
CA PHE B 118 22.28 -1.54 36.20
C PHE B 118 23.15 -2.22 37.25
N GLU B 119 24.41 -2.47 36.91
CA GLU B 119 25.34 -3.07 37.84
C GLU B 119 25.63 -2.10 39.00
N SER B 120 25.91 -0.85 38.66
CA SER B 120 26.13 0.21 39.64
CA SER B 120 26.15 0.18 39.67
C SER B 120 24.99 0.30 40.65
N LEU B 121 23.77 0.18 40.15
CA LEU B 121 22.60 0.39 40.99
C LEU B 121 22.14 -0.91 41.66
N LYS B 122 22.84 -2.00 41.35
CA LYS B 122 22.54 -3.35 41.86
C LYS B 122 21.14 -3.77 41.50
N ILE B 123 20.79 -3.53 40.24
CA ILE B 123 19.46 -3.85 39.70
C ILE B 123 19.34 -5.34 39.37
N ASN B 124 18.24 -5.95 39.79
CA ASN B 124 17.90 -7.29 39.35
C ASN B 124 17.21 -7.23 38.00
N GLU B 125 17.98 -7.48 36.95
CA GLU B 125 17.51 -7.19 35.60
C GLU B 125 16.32 -8.07 35.26
N LYS B 126 16.35 -9.33 35.72
CA LYS B 126 15.25 -10.27 35.43
C LYS B 126 13.93 -9.73 35.95
N GLU B 127 13.99 -9.03 37.07
CA GLU B 127 12.80 -8.55 37.74
C GLU B 127 12.48 -7.08 37.43
N GLN B 128 13.50 -6.31 37.04
CA GLN B 128 13.37 -4.85 37.01
C GLN B 128 13.61 -4.19 35.64
N LEU B 129 14.11 -4.97 34.68
CA LEU B 129 14.48 -4.41 33.37
C LEU B 129 13.69 -5.08 32.25
N TYR B 130 13.05 -4.26 31.42
CA TYR B 130 12.36 -4.73 30.23
C TYR B 130 13.23 -4.32 29.05
N ARG B 131 13.59 -5.27 28.20
CA ARG B 131 14.42 -5.01 27.04
C ARG B 131 14.13 -6.02 25.94
N PRO B 132 14.46 -5.67 24.70
CA PRO B 132 14.18 -6.61 23.60
C PRO B 132 15.15 -7.83 23.57
N ASP B 133 14.62 -8.98 23.20
CA ASP B 133 15.47 -10.15 22.93
C ASP B 133 15.89 -10.12 21.48
N THR B 134 17.07 -9.56 21.25
CA THR B 134 17.60 -9.36 19.93
C THR B 134 18.30 -10.64 19.35
N SER B 135 18.18 -11.75 20.06
CA SER B 135 18.48 -13.07 19.47
CA SER B 135 18.48 -13.09 19.50
C SER B 135 17.32 -13.62 18.67
N LYS B 136 16.13 -13.03 18.87
CA LYS B 136 14.98 -13.36 18.05
C LYS B 136 15.07 -12.73 16.64
N ASN B 137 14.40 -13.35 15.65
CA ASN B 137 14.16 -12.68 14.36
C ASN B 137 13.40 -11.40 14.58
N ILE B 138 13.51 -10.49 13.62
CA ILE B 138 13.04 -9.10 13.82
C ILE B 138 11.56 -9.08 14.12
N VAL B 139 10.77 -9.89 13.43
CA VAL B 139 9.32 -9.88 13.64
C VAL B 139 8.99 -10.28 15.07
N GLU B 140 9.56 -11.38 15.53
CA GLU B 140 9.33 -11.86 16.90
C GLU B 140 9.99 -10.97 17.97
N CYS B 141 11.14 -10.41 17.64
CA CYS B 141 11.77 -9.45 18.54
C CYS B 141 10.82 -8.28 18.86
N VAL B 142 10.22 -7.70 17.83
CA VAL B 142 9.29 -6.60 17.98
C VAL B 142 8.01 -7.03 18.71
N ARG B 143 7.41 -8.14 18.30
CA ARG B 143 6.18 -8.62 18.95
C ARG B 143 6.39 -8.99 20.43
N ASP B 144 7.52 -9.63 20.72
CA ASP B 144 7.89 -9.96 22.10
C ASP B 144 8.07 -8.71 22.97
N TYR B 145 8.78 -7.71 22.45
CA TYR B 145 9.01 -6.49 23.23
C TYR B 145 7.70 -5.68 23.37
N ASN B 146 6.90 -5.63 22.33
CA ASN B 146 5.57 -5.06 22.39
C ASN B 146 4.77 -5.65 23.55
N GLU B 147 4.81 -6.97 23.69
CA GLU B 147 4.05 -7.62 24.77
CA GLU B 147 4.10 -7.68 24.77
C GLU B 147 4.67 -7.32 26.13
N LYS B 148 6.01 -7.26 26.21
CA LYS B 148 6.69 -6.89 27.47
C LYS B 148 6.33 -5.48 27.92
N ILE B 149 6.36 -4.55 26.99
CA ILE B 149 6.09 -3.14 27.31
C ILE B 149 4.62 -2.99 27.72
N LYS B 150 3.73 -3.64 26.97
CA LYS B 150 2.32 -3.69 27.36
C LYS B 150 2.11 -4.22 28.78
N ASN B 151 2.81 -5.30 29.13
CA ASN B 151 2.75 -5.85 30.47
C ASN B 151 3.32 -4.88 31.53
N MSE B 152 4.44 -4.23 31.22
CA MSE B 152 5.00 -3.19 32.09
C MSE B 152 3.99 -2.08 32.37
O MSE B 152 3.75 -1.70 33.53
CB MSE B 152 6.26 -2.58 31.43
CG MSE B 152 6.99 -1.61 32.32
SE MSE B 152 8.42 -0.76 31.28
CE MSE B 152 7.34 0.39 30.19
N VAL B 153 3.39 -1.56 31.31
CA VAL B 153 2.41 -0.49 31.47
C VAL B 153 1.15 -0.93 32.26
N LYS B 154 0.65 -2.13 31.99
CA LYS B 154 -0.46 -2.67 32.78
C LYS B 154 -0.08 -2.75 34.26
N LYS B 155 1.12 -3.27 34.54
CA LYS B 155 1.54 -3.52 35.91
C LYS B 155 1.98 -2.25 36.64
N TYR B 156 2.59 -1.28 35.93
CA TYR B 156 3.14 -0.08 36.61
C TYR B 156 2.50 1.24 36.15
N THR B 157 1.39 1.10 35.42
CA THR B 157 0.51 2.17 35.00
C THR B 157 0.97 3.00 33.82
N LYS B 158 2.13 3.65 33.94
CA LYS B 158 2.72 4.42 32.84
C LYS B 158 4.20 4.69 33.08
N VAL B 159 4.86 5.26 32.09
CA VAL B 159 6.26 5.65 32.20
C VAL B 159 6.33 6.90 33.05
N ASP B 160 7.22 6.91 34.02
CA ASP B 160 7.44 8.08 34.83
C ASP B 160 8.47 9.05 34.27
N ILE B 161 9.59 8.53 33.75
CA ILE B 161 10.65 9.38 33.23
C ILE B 161 11.21 8.78 31.96
N ALA B 162 11.28 9.59 30.90
CA ALA B 162 11.91 9.20 29.65
C ALA B 162 13.10 10.07 29.34
N ILE B 163 14.25 9.44 29.21
CA ILE B 163 15.51 10.14 28.92
C ILE B 163 15.89 9.98 27.44
N LEU B 164 15.99 11.12 26.74
CA LEU B 164 15.95 11.20 25.27
C LEU B 164 17.05 12.10 24.74
N GLY B 165 17.46 11.83 23.51
CA GLY B 165 18.20 12.77 22.70
C GLY B 165 17.48 13.06 21.41
N MSE B 166 18.12 13.81 20.54
CA MSE B 166 17.57 14.08 19.25
C MSE B 166 18.64 14.16 18.22
O MSE B 166 19.70 14.73 18.46
CB MSE B 166 16.81 15.41 19.26
CG MSE B 166 15.97 15.62 18.00
SE MSE B 166 14.79 17.17 18.12
CE MSE B 166 16.08 18.56 17.77
N GLY B 167 18.36 13.60 17.03
CA GLY B 167 19.33 13.52 15.97
C GLY B 167 19.24 14.69 15.01
N SER B 168 20.18 14.71 14.06
CA SER B 168 20.25 15.78 13.06
C SER B 168 19.07 15.76 12.08
N ASP B 169 18.37 14.62 11.97
CA ASP B 169 17.13 14.51 11.19
C ASP B 169 15.87 14.64 12.06
N PHE B 170 16.03 15.19 13.27
CA PHE B 170 14.95 15.37 14.24
C PHE B 170 14.34 14.07 14.84
N HIS B 171 14.94 12.92 14.60
CA HIS B 171 14.46 11.70 15.22
C HIS B 171 14.78 11.69 16.71
N ILE B 172 13.95 10.97 17.44
CA ILE B 172 14.18 10.71 18.88
C ILE B 172 13.93 9.21 19.04
N ALA B 173 14.46 8.58 20.09
CA ALA B 173 14.36 7.12 20.20
C ALA B 173 14.87 6.52 18.89
N SER B 174 14.15 5.56 18.30
CA SER B 174 14.34 5.24 16.87
C SER B 174 13.06 5.54 16.07
N LEU B 175 12.48 6.68 16.35
CA LEU B 175 11.31 7.16 15.67
C LEU B 175 11.79 8.11 14.60
N PHE B 176 12.02 7.56 13.40
CA PHE B 176 12.62 8.29 12.26
C PHE B 176 11.54 8.89 11.39
N PRO B 177 11.60 10.21 11.17
CA PRO B 177 10.75 10.85 10.15
C PRO B 177 10.88 10.19 8.80
N ASN B 178 9.78 10.03 8.06
CA ASN B 178 8.41 10.29 8.49
C ASN B 178 7.95 9.09 9.29
N ILE B 179 7.57 9.34 10.54
CA ILE B 179 7.34 8.25 11.48
C ILE B 179 6.17 7.37 11.04
N PHE B 180 5.09 7.97 10.58
CA PHE B 180 3.98 7.18 10.06
C PHE B 180 4.36 6.32 8.82
N PHE B 181 5.02 6.91 7.82
CA PHE B 181 5.44 6.16 6.63
C PHE B 181 6.39 5.01 7.00
N ASN B 182 7.36 5.30 7.84
CA ASN B 182 8.39 4.32 8.24
C ASN B 182 7.78 3.18 9.04
N ILE B 183 6.97 3.50 10.04
CA ILE B 183 6.27 2.48 10.79
C ILE B 183 5.28 1.70 9.92
N TYR B 184 4.47 2.39 9.10
CA TYR B 184 3.51 1.66 8.26
C TYR B 184 4.23 0.66 7.35
N MSE B 185 5.21 1.16 6.61
CA MSE B 185 5.84 0.35 5.58
C MSE B 185 6.61 -0.82 6.21
O MSE B 185 6.67 -1.93 5.64
CB MSE B 185 6.78 1.22 4.73
CG MSE B 185 6.05 2.23 3.82
SE MSE B 185 4.76 1.43 2.58
CE MSE B 185 5.99 0.82 1.24
N ASN B 186 7.20 -0.60 7.39
CA ASN B 186 7.98 -1.66 8.05
C ASN B 186 7.17 -2.68 8.86
N ASN B 187 5.96 -2.31 9.29
CA ASN B 187 5.21 -3.10 10.27
C ASN B 187 3.84 -3.57 9.77
N TYR B 188 3.15 -2.71 9.04
CA TYR B 188 1.75 -2.99 8.67
C TYR B 188 1.60 -3.44 7.21
N GLN B 189 2.42 -2.90 6.33
CA GLN B 189 2.39 -3.27 4.93
C GLN B 189 2.63 -4.79 4.78
N ASN B 190 1.70 -5.46 4.08
CA ASN B 190 1.72 -6.89 3.89
C ASN B 190 1.69 -7.68 5.22
N SER B 191 1.13 -7.04 6.24
CA SER B 191 1.08 -7.58 7.61
C SER B 191 2.40 -8.18 8.07
N TYR B 192 3.51 -7.49 7.82
CA TYR B 192 4.81 -8.05 8.09
C TYR B 192 4.94 -8.37 9.59
N ILE B 193 4.49 -7.45 10.44
CA ILE B 193 4.59 -7.62 11.87
C ILE B 193 3.25 -7.55 12.54
N TYR B 194 2.49 -6.51 12.25
CA TYR B 194 1.10 -6.37 12.72
C TYR B 194 0.12 -6.42 11.54
N ASP B 195 -1.17 -6.62 11.80
CA ASP B 195 -2.13 -6.81 10.71
C ASP B 195 -2.45 -5.55 9.92
N GLU B 196 -2.27 -5.63 8.60
CA GLU B 196 -2.61 -4.52 7.69
C GLU B 196 -4.04 -4.02 7.92
N SER B 197 -4.97 -4.95 8.19
CA SER B 197 -6.39 -4.59 8.32
C SER B 197 -6.72 -3.97 9.65
N SER B 198 -5.78 -4.00 10.59
CA SER B 198 -6.01 -3.42 11.90
C SER B 198 -5.95 -1.88 11.83
N ILE B 199 -5.71 -1.33 10.63
CA ILE B 199 -5.49 0.11 10.42
C ILE B 199 -6.06 0.58 9.05
N LYS B 200 -6.85 1.65 9.08
CA LYS B 200 -7.41 2.23 7.86
C LYS B 200 -6.71 3.52 7.50
N VAL B 201 -5.79 3.45 6.54
CA VAL B 201 -4.94 4.61 6.16
C VAL B 201 -5.67 5.51 5.18
N ALA B 202 -5.61 6.82 5.42
CA ALA B 202 -6.22 7.81 4.53
C ALA B 202 -5.16 8.62 3.78
N ASN B 203 -5.37 8.78 2.47
CA ASN B 203 -4.77 9.89 1.68
C ASN B 203 -5.73 11.07 1.64
N THR B 207 -6.00 12.29 5.20
CA THR B 207 -6.16 13.43 6.10
C THR B 207 -4.82 14.13 6.36
N SER B 208 -4.43 14.21 7.64
CA SER B 208 -3.11 14.69 8.03
C SER B 208 -2.28 13.53 8.52
N ASP B 209 -0.96 13.70 8.49
CA ASP B 209 -0.09 12.67 9.00
C ASP B 209 -0.35 12.47 10.48
N ASN B 210 -0.75 13.53 11.17
CA ASN B 210 -0.98 13.46 12.61
C ASN B 210 -2.16 12.54 12.95
N ASP B 211 -3.18 12.62 12.12
CA ASP B 211 -4.37 11.82 12.29
C ASP B 211 -4.04 10.36 12.03
N ASN B 212 -3.28 10.08 10.97
CA ASN B 212 -2.84 8.72 10.69
C ASN B 212 -1.93 8.14 11.82
N LEU B 213 -1.01 8.94 12.32
CA LEU B 213 -0.18 8.56 13.49
C LEU B 213 -1.02 8.09 14.67
N ASP B 214 -2.13 8.78 14.89
CA ASP B 214 -3.05 8.46 15.96
C ASP B 214 -3.66 7.07 15.81
N LEU B 215 -3.60 6.50 14.61
CA LEU B 215 -4.16 5.18 14.37
C LEU B 215 -3.24 4.07 14.88
N LEU B 216 -1.96 4.38 15.07
CA LEU B 216 -0.98 3.39 15.55
C LEU B 216 -1.18 3.07 17.05
N LYS B 217 -1.50 1.82 17.36
CA LYS B 217 -1.89 1.48 18.72
C LYS B 217 -0.92 0.56 19.45
N GLU B 218 0.14 0.12 18.79
CA GLU B 218 1.09 -0.77 19.48
C GLU B 218 2.12 0.00 20.30
N TYR B 219 2.84 -0.72 21.17
CA TYR B 219 3.84 -0.10 22.06
C TYR B 219 5.22 -0.09 21.47
N VAL B 220 5.47 -1.05 20.57
CA VAL B 220 6.81 -1.26 20.00
C VAL B 220 6.67 -1.52 18.51
N TYR B 221 7.57 -0.91 17.74
CA TYR B 221 7.63 -1.04 16.28
C TYR B 221 9.05 -1.26 15.75
N PHE B 222 9.12 -1.89 14.58
CA PHE B 222 10.32 -1.99 13.74
C PHE B 222 10.47 -0.68 12.94
N THR B 223 11.64 -0.05 13.01
CA THR B 223 11.93 1.07 12.15
C THR B 223 13.26 0.86 11.45
N THR B 224 13.48 1.63 10.38
CA THR B 224 14.72 1.56 9.66
C THR B 224 15.35 2.92 9.42
N THR B 225 16.68 2.89 9.34
CA THR B 225 17.49 4.03 8.97
C THR B 225 18.65 3.50 8.11
N ASN B 226 19.71 4.28 7.97
CA ASN B 226 20.81 3.91 7.11
C ASN B 226 21.67 2.80 7.75
N ASN B 227 22.44 2.15 6.90
CA ASN B 227 23.12 0.93 7.28
C ASN B 227 24.35 1.24 8.15
N PHE B 228 24.94 2.41 7.95
CA PHE B 228 26.07 2.82 8.77
C PHE B 228 25.68 2.94 10.25
N ASP B 229 24.48 3.47 10.50
CA ASP B 229 23.98 3.73 11.85
C ASP B 229 23.23 2.52 12.44
N VAL B 230 23.28 1.41 11.71
CA VAL B 230 22.58 0.16 11.99
C VAL B 230 21.14 0.28 11.51
N ARG B 231 20.85 -0.39 10.42
CA ARG B 231 19.64 -0.14 9.64
C ARG B 231 18.39 -0.51 10.42
N LYS B 232 18.43 -1.65 11.08
CA LYS B 232 17.21 -2.15 11.69
C LYS B 232 17.13 -1.71 13.14
N ARG B 233 15.96 -1.19 13.53
CA ARG B 233 15.74 -0.64 14.87
C ARG B 233 14.48 -1.13 15.51
N ILE B 234 14.50 -1.18 16.84
CA ILE B 234 13.33 -1.47 17.65
C ILE B 234 13.08 -0.21 18.45
N THR B 235 11.84 0.27 18.43
CA THR B 235 11.50 1.48 19.17
C THR B 235 10.16 1.34 19.90
N VAL B 236 10.11 1.92 21.10
CA VAL B 236 8.84 2.19 21.75
C VAL B 236 8.12 3.28 20.95
N SER B 237 6.81 3.39 21.12
CA SER B 237 5.99 4.23 20.27
C SER B 237 6.07 5.67 20.75
N LEU B 238 5.81 6.60 19.83
CA LEU B 238 5.65 8.02 20.19
C LEU B 238 4.55 8.22 21.24
N ASP B 239 3.44 7.49 21.12
CA ASP B 239 2.33 7.58 22.10
C ASP B 239 2.77 7.21 23.49
N LEU B 240 3.58 6.14 23.62
CA LEU B 240 4.09 5.74 24.92
C LEU B 240 4.92 6.85 25.54
N LEU B 241 5.80 7.44 24.76
CA LEU B 241 6.67 8.53 25.25
C LEU B 241 5.86 9.77 25.63
N GLY B 242 4.86 10.11 24.82
CA GLY B 242 3.98 11.24 25.12
C GLY B 242 3.25 11.13 26.44
N ASN B 243 2.98 9.91 26.86
CA ASN B 243 2.30 9.63 28.10
C ASN B 243 3.24 9.61 29.32
N ALA B 244 4.55 9.67 29.08
CA ALA B 244 5.51 9.78 30.17
C ALA B 244 5.24 11.03 31.06
N SER B 245 5.37 10.84 32.36
CA SER B 245 5.12 11.92 33.31
CA SER B 245 5.17 11.89 33.36
C SER B 245 6.17 13.02 33.21
N SER B 246 7.37 12.64 32.74
CA SER B 246 8.48 13.56 32.57
C SER B 246 9.31 13.09 31.39
N LYS B 247 9.54 14.00 30.44
CA LYS B 247 10.44 13.77 29.33
C LYS B 247 11.67 14.68 29.49
N ILE B 248 12.86 14.09 29.47
CA ILE B 248 14.09 14.83 29.62
C ILE B 248 15.02 14.66 28.38
N PHE B 249 15.18 15.75 27.64
CA PHE B 249 16.10 15.81 26.52
C PHE B 249 17.50 16.27 26.96
N LEU B 250 18.51 15.59 26.43
CA LEU B 250 19.91 15.91 26.73
C LEU B 250 20.61 16.52 25.53
N LEU B 251 20.68 17.85 25.47
CA LEU B 251 21.19 18.53 24.28
C LEU B 251 22.45 19.32 24.64
N ASN B 252 23.61 18.71 24.50
CA ASN B 252 24.82 19.25 25.08
C ASN B 252 25.78 19.87 24.10
N SER B 253 25.26 20.33 22.97
CA SER B 253 26.08 21.07 22.02
C SER B 253 25.25 22.12 21.33
N THR B 254 25.95 23.10 20.76
CA THR B 254 25.31 24.13 19.93
C THR B 254 24.71 23.53 18.67
N ASP B 255 25.31 22.51 18.08
CA ASP B 255 24.65 21.81 16.97
C ASP B 255 23.24 21.29 17.37
N LYS B 256 23.13 20.73 18.57
CA LYS B 256 21.87 20.14 19.03
C LYS B 256 20.88 21.24 19.38
N LEU B 257 21.38 22.31 19.95
CA LEU B 257 20.56 23.45 20.29
C LEU B 257 20.09 24.22 19.05
N ASP B 258 20.91 24.24 18.01
CA ASP B 258 20.52 24.84 16.73
C ASP B 258 19.37 24.03 16.11
N LEU B 259 19.44 22.70 16.23
CA LEU B 259 18.39 21.83 15.74
C LEU B 259 17.08 22.04 16.48
N TRP B 260 17.14 22.15 17.80
CA TRP B 260 15.95 22.37 18.61
C TRP B 260 15.28 23.70 18.24
N LYS B 261 16.10 24.75 18.13
CA LYS B 261 15.58 26.06 17.70
C LYS B 261 14.98 26.05 16.29
N ASN B 262 15.65 25.44 15.32
CA ASN B 262 15.12 25.29 13.96
CA ASN B 262 15.09 25.38 13.97
C ASN B 262 13.80 24.53 13.96
N MSE B 263 13.76 23.47 14.76
CA MSE B 263 12.52 22.70 14.95
C MSE B 263 11.35 23.57 15.42
O MSE B 263 10.23 23.49 14.90
CB MSE B 263 12.75 21.59 15.97
CG MSE B 263 11.56 20.69 16.16
SE MSE B 263 11.90 19.44 17.59
CE MSE B 263 11.71 20.61 19.15
N LEU B 264 11.61 24.38 16.45
CA LEU B 264 10.58 25.21 17.04
C LEU B 264 10.13 26.29 16.05
N LEU B 265 11.07 26.86 15.31
CA LEU B 265 10.75 27.77 14.18
C LEU B 265 9.82 27.13 13.14
N LYS B 266 10.17 25.95 12.70
CA LYS B 266 9.52 25.36 11.54
C LYS B 266 8.21 24.71 11.93
N SER B 267 8.08 24.36 13.21
CA SER B 267 6.90 23.69 13.72
C SER B 267 5.90 24.66 14.35
N TYR B 268 6.20 25.94 14.34
CA TYR B 268 5.28 26.96 14.90
C TYR B 268 3.89 26.93 14.24
N VAL B 269 3.85 26.69 12.94
CA VAL B 269 2.62 26.53 12.20
C VAL B 269 2.44 25.10 11.64
N ASP B 270 1.31 24.50 11.98
CA ASP B 270 0.89 23.19 11.43
C ASP B 270 1.95 22.12 11.61
N VAL B 271 2.44 21.98 12.84
CA VAL B 271 3.44 20.95 13.15
C VAL B 271 2.96 19.59 12.68
N ASN B 272 3.83 18.89 11.93
CA ASN B 272 3.67 17.48 11.63
C ASN B 272 4.49 16.65 12.66
N TYR B 273 3.79 16.00 13.57
CA TYR B 273 4.42 15.19 14.61
C TYR B 273 5.23 13.99 14.04
N CYS B 274 4.90 13.55 12.82
CA CYS B 274 5.67 12.51 12.11
C CYS B 274 7.02 12.98 11.65
N LEU B 275 7.22 14.30 11.60
CA LEU B 275 8.48 14.88 11.19
C LEU B 275 9.23 15.56 12.33
N TYR B 276 8.49 16.02 13.35
CA TYR B 276 9.08 16.64 14.56
C TYR B 276 8.54 16.00 15.82
N PRO B 277 8.92 14.73 16.08
CA PRO B 277 8.36 13.99 17.21
C PRO B 277 8.57 14.66 18.58
N ALA B 278 9.68 15.39 18.76
CA ALA B 278 9.91 16.05 20.04
C ALA B 278 8.79 17.01 20.37
N VAL B 279 8.20 17.65 19.34
CA VAL B 279 7.09 18.63 19.57
C VAL B 279 5.82 17.94 20.09
N TYR B 280 5.59 16.69 19.65
CA TYR B 280 4.54 15.86 20.24
C TYR B 280 4.76 15.75 21.73
N LEU B 281 6.02 15.49 22.13
CA LEU B 281 6.38 15.38 23.51
C LEU B 281 6.17 16.73 24.24
N ILE B 282 6.63 17.83 23.64
CA ILE B 282 6.36 19.18 24.19
C ILE B 282 4.86 19.43 24.41
N ASP B 283 4.07 19.15 23.39
CA ASP B 283 2.64 19.35 23.46
C ASP B 283 1.92 18.41 24.43
N SER B 284 2.53 17.27 24.72
CA SER B 284 1.99 16.35 25.74
CA SER B 284 2.00 16.35 25.73
C SER B 284 2.35 16.77 27.18
N MSE B 285 3.10 17.87 27.31
CA MSE B 285 3.42 18.50 28.60
CA MSE B 285 3.44 18.50 28.59
C MSE B 285 4.60 17.80 29.32
O MSE B 285 4.94 16.64 29.03
CB MSE B 285 2.20 18.58 29.54
CB MSE B 285 2.22 18.63 29.51
CG MSE B 285 0.93 19.16 28.89
CG MSE B 285 1.10 19.54 28.96
SE MSE B 285 1.21 20.99 28.38
SE MSE B 285 -0.47 19.56 30.11
CE MSE B 285 -0.63 21.66 28.62
CE MSE B 285 0.38 20.14 31.79
N ASN B 286 5.21 18.52 30.25
CA ASN B 286 6.21 17.97 31.17
C ASN B 286 7.50 17.56 30.46
N THR B 287 7.84 18.30 29.41
CA THR B 287 9.13 18.16 28.75
C THR B 287 10.14 19.14 29.36
N THR B 288 11.31 18.61 29.69
CA THR B 288 12.46 19.38 30.16
C THR B 288 13.61 19.17 29.20
N VAL B 289 14.36 20.24 28.96
CA VAL B 289 15.57 20.18 28.16
C VAL B 289 16.76 20.64 28.98
N VAL B 290 17.82 19.82 29.03
CA VAL B 290 19.10 20.25 29.61
C VAL B 290 20.00 20.65 28.47
N THR B 291 20.69 21.79 28.60
CA THR B 291 21.36 22.42 27.46
C THR B 291 22.81 22.75 27.82
N CYS B 292 23.67 22.73 26.82
CA CYS B 292 25.01 23.25 26.96
C CYS B 292 25.49 23.80 25.64
N GLY B 293 26.04 25.01 25.67
CA GLY B 293 26.59 25.62 24.45
C GLY B 293 26.16 27.04 24.22
N TYR B 294 24.93 27.36 24.60
CA TYR B 294 24.39 28.71 24.43
C TYR B 294 23.96 29.30 25.77
N THR B 295 24.61 30.39 26.16
CA THR B 295 24.20 31.13 27.34
C THR B 295 22.83 31.84 27.14
N ASN B 296 21.98 31.71 28.15
CA ASN B 296 20.59 32.14 28.04
C ASN B 296 19.93 31.66 26.76
N TYR B 297 19.93 30.35 26.59
CA TYR B 297 19.34 29.75 25.42
C TYR B 297 17.84 30.10 25.20
N PRO B 298 17.02 30.11 26.27
CA PRO B 298 15.60 30.43 26.06
C PRO B 298 15.37 31.83 25.44
N GLN B 299 16.27 32.78 25.72
CA GLN B 299 16.25 34.10 25.07
C GLN B 299 16.31 33.97 23.54
N MSE B 300 17.13 33.04 23.05
CA MSE B 300 17.27 32.82 21.64
C MSE B 300 16.00 32.24 21.02
O MSE B 300 15.84 32.26 19.80
CB MSE B 300 18.44 31.89 21.34
CG MSE B 300 19.79 32.44 21.76
SE MSE B 300 21.20 31.09 21.55
CE MSE B 300 20.92 30.61 19.68
N LEU B 301 15.13 31.68 21.86
CA LEU B 301 13.86 31.09 21.40
C LEU B 301 12.66 32.06 21.55
N GLU B 302 12.76 32.97 22.51
CA GLU B 302 11.68 33.92 22.86
C GLU B 302 10.87 34.47 21.69
N ASP B 303 11.59 34.94 20.67
CA ASP B 303 10.95 35.77 19.64
C ASP B 303 10.16 34.95 18.63
N ILE B 304 10.36 33.63 18.63
CA ILE B 304 9.45 32.71 17.95
C ILE B 304 7.99 32.93 18.45
N TYR B 305 7.85 33.20 19.75
CA TYR B 305 6.53 33.20 20.40
C TYR B 305 5.98 34.58 20.78
N VAL B 306 6.83 35.62 20.68
CA VAL B 306 6.43 37.00 21.02
C VAL B 306 6.67 37.94 19.84
N MSE C 9 -14.95 8.35 21.07
CA MSE C 9 -16.43 8.54 20.99
C MSE C 9 -16.97 9.23 22.25
O MSE C 9 -16.80 8.74 23.36
CB MSE C 9 -17.13 7.19 20.78
CG MSE C 9 -18.32 7.27 19.82
SE MSE C 9 -19.62 5.83 20.03
CE MSE C 9 -19.18 4.81 18.42
N ASP C 10 -17.64 10.37 22.06
CA ASP C 10 -18.05 11.22 23.15
C ASP C 10 -19.58 11.19 23.29
N CYS C 11 -20.08 10.29 24.14
CA CYS C 11 -21.49 9.93 24.13
C CYS C 11 -22.39 11.10 24.57
N GLN C 12 -21.79 12.09 25.25
CA GLN C 12 -22.48 13.33 25.64
C GLN C 12 -22.75 14.21 24.44
N ALA C 13 -21.73 14.39 23.59
CA ALA C 13 -21.81 15.22 22.40
C ALA C 13 -22.68 14.57 21.32
N LEU C 14 -22.62 13.25 21.25
CA LEU C 14 -23.48 12.48 20.35
C LEU C 14 -24.96 12.55 20.80
N ALA C 15 -25.18 12.40 22.11
CA ALA C 15 -26.52 12.56 22.71
C ALA C 15 -27.17 13.87 22.26
N LYS C 16 -26.40 14.96 22.36
CA LYS C 16 -26.86 16.29 21.95
C LYS C 16 -27.17 16.35 20.46
N SER C 17 -26.28 15.81 19.63
CA SER C 17 -26.46 15.87 18.18
C SER C 17 -27.81 15.26 17.77
N LEU C 18 -28.16 14.14 18.38
CA LEU C 18 -29.38 13.46 18.00
C LEU C 18 -30.60 14.37 18.22
N GLU C 19 -30.61 15.17 19.29
CA GLU C 19 -31.77 16.03 19.64
C GLU C 19 -31.71 17.46 19.04
N GLN C 20 -30.72 17.69 18.18
CA GLN C 20 -30.61 18.92 17.42
C GLN C 20 -30.61 18.67 15.90
N MSE C 21 -31.17 17.54 15.47
CA MSE C 21 -31.26 17.23 14.05
C MSE C 21 -32.16 18.20 13.31
O MSE C 21 -33.17 18.65 13.83
CB MSE C 21 -31.78 15.84 13.85
CG MSE C 21 -30.70 14.79 13.83
SE MSE C 21 -31.52 13.15 13.39
CE MSE C 21 -31.69 12.51 15.21
N ASN C 22 -31.78 18.52 12.07
CA ASN C 22 -32.55 19.39 11.20
C ASN C 22 -33.65 18.62 10.47
N HIS C 23 -34.78 19.29 10.22
CA HIS C 23 -35.92 18.72 9.52
C HIS C 23 -36.16 19.56 8.27
N LEU C 24 -36.31 18.91 7.13
CA LEU C 24 -36.69 19.60 5.91
C LEU C 24 -37.56 18.68 5.02
N HIS C 25 -38.78 19.16 4.73
CA HIS C 25 -39.67 18.48 3.80
C HIS C 25 -39.79 16.99 4.13
N ASN C 26 -40.03 16.71 5.42
CA ASN C 26 -40.33 15.38 5.99
CA ASN C 26 -40.34 15.35 5.86
C ASN C 26 -39.10 14.47 6.11
N VAL C 27 -37.90 15.05 5.98
CA VAL C 27 -36.67 14.31 6.20
C VAL C 27 -35.89 14.94 7.34
N LYS C 28 -35.28 14.09 8.15
CA LYS C 28 -34.39 14.54 9.22
C LYS C 28 -32.94 14.38 8.77
N TYR C 29 -32.13 15.38 9.05
CA TYR C 29 -30.71 15.35 8.64
C TYR C 29 -29.80 15.38 9.86
N LEU C 30 -28.84 14.45 9.89
CA LEU C 30 -27.84 14.38 10.98
C LEU C 30 -26.47 14.66 10.39
N GLU C 31 -25.84 15.75 10.82
CA GLU C 31 -24.64 16.23 10.17
C GLU C 31 -23.39 15.82 10.94
N ALA C 32 -22.45 15.18 10.25
CA ALA C 32 -21.18 14.76 10.83
C ALA C 32 -20.07 15.73 10.46
N LYS C 33 -19.06 15.84 11.33
CA LYS C 33 -17.99 16.86 11.20
C LYS C 33 -16.91 16.43 10.22
N ASP C 34 -16.72 15.13 10.11
CA ASP C 34 -15.71 14.49 9.29
C ASP C 34 -16.04 12.99 9.20
N LEU C 35 -15.24 12.21 8.49
CA LEU C 35 -15.59 10.81 8.22
C LEU C 35 -15.61 9.94 9.47
N THR C 36 -14.74 10.24 10.44
CA THR C 36 -14.70 9.49 11.68
C THR C 36 -15.94 9.79 12.50
N ASP C 37 -16.28 11.08 12.61
CA ASP C 37 -17.48 11.49 13.27
C ASP C 37 -18.73 10.92 12.58
N PHE C 38 -18.69 10.81 11.25
CA PHE C 38 -19.80 10.19 10.50
C PHE C 38 -20.04 8.74 10.95
N ASN C 39 -18.98 7.95 11.03
CA ASN C 39 -19.11 6.55 11.40
C ASN C 39 -19.59 6.39 12.83
N GLN C 40 -19.07 7.24 13.71
CA GLN C 40 -19.42 7.21 15.13
C GLN C 40 -20.84 7.69 15.34
N LYS C 41 -21.17 8.85 14.74
CA LYS C 41 -22.52 9.39 14.83
C LYS C 41 -23.59 8.45 14.28
N SER C 42 -23.34 7.86 13.12
CA SER C 42 -24.24 6.90 12.52
C SER C 42 -24.51 5.69 13.45
N ALA C 43 -23.44 5.15 14.01
CA ALA C 43 -23.55 3.93 14.80
C ALA C 43 -24.27 4.25 16.09
N TYR C 44 -23.96 5.42 16.68
CA TYR C 44 -24.68 5.94 17.83
C TYR C 44 -26.17 6.14 17.62
N TYR C 45 -26.54 6.79 16.53
CA TYR C 45 -27.93 6.98 16.15
C TYR C 45 -28.64 5.65 15.92
N ILE C 46 -28.00 4.73 15.21
CA ILE C 46 -28.60 3.40 14.94
C ILE C 46 -28.78 2.62 16.23
N CYS C 47 -27.75 2.61 17.08
CA CYS C 47 -27.88 1.91 18.38
C CYS C 47 -28.96 2.48 19.26
N HIS C 48 -29.02 3.80 19.32
CA HIS C 48 -30.09 4.43 20.10
C HIS C 48 -31.49 4.17 19.58
N GLN C 49 -31.65 4.13 18.26
CA GLN C 49 -32.93 3.77 17.66
C GLN C 49 -33.32 2.34 18.01
N ILE C 50 -32.37 1.40 17.89
CA ILE C 50 -32.63 0.04 18.27
C ILE C 50 -33.09 -0.05 19.74
N ALA C 51 -32.34 0.59 20.62
CA ALA C 51 -32.55 0.49 22.08
C ALA C 51 -33.90 1.10 22.46
N GLU C 52 -34.26 2.22 21.83
CA GLU C 52 -35.54 2.87 22.16
C GLU C 52 -36.70 2.06 21.59
N LYS C 53 -36.54 1.57 20.35
CA LYS C 53 -37.55 0.75 19.73
C LYS C 53 -37.72 -0.59 20.45
N GLN C 54 -36.65 -1.10 21.04
CA GLN C 54 -36.74 -2.37 21.76
C GLN C 54 -37.71 -2.25 22.97
N LEU C 55 -37.78 -1.07 23.55
CA LEU C 55 -38.65 -0.82 24.71
C LEU C 55 -40.15 -0.78 24.36
N SER C 56 -40.50 -0.42 23.12
CA SER C 56 -41.90 -0.49 22.68
C SER C 56 -42.29 -1.73 21.84
N LYS C 57 -41.30 -2.46 21.32
CA LYS C 57 -41.58 -3.53 20.34
C LYS C 57 -41.93 -4.86 21.02
N GLU C 58 -42.94 -5.53 20.47
CA GLU C 58 -43.42 -6.80 20.99
C GLU C 58 -42.27 -7.83 21.13
N GLY C 59 -42.07 -8.26 22.37
CA GLY C 59 -41.00 -9.20 22.70
C GLY C 59 -39.61 -8.66 22.45
N GLY C 60 -39.49 -7.35 22.28
CA GLY C 60 -38.17 -6.72 22.11
C GLY C 60 -37.57 -6.99 20.76
N HIS C 61 -38.36 -7.53 19.84
CA HIS C 61 -37.85 -8.06 18.56
C HIS C 61 -37.74 -7.01 17.44
N VAL C 62 -36.80 -6.10 17.61
CA VAL C 62 -36.54 -5.07 16.67
C VAL C 62 -35.96 -5.68 15.40
N VAL C 63 -36.58 -5.34 14.27
CA VAL C 63 -36.22 -5.90 12.96
C VAL C 63 -35.39 -4.89 12.17
N ILE C 64 -34.15 -5.26 11.88
CA ILE C 64 -33.18 -4.34 11.25
C ILE C 64 -32.69 -4.90 9.92
N GLY C 65 -32.88 -4.12 8.87
CA GLY C 65 -32.41 -4.46 7.56
C GLY C 65 -31.07 -3.82 7.29
N LEU C 66 -30.16 -4.61 6.74
CA LEU C 66 -28.80 -4.19 6.57
C LEU C 66 -28.39 -4.16 5.12
N SER C 67 -27.74 -3.07 4.70
CA SER C 67 -27.09 -2.97 3.39
C SER C 67 -25.60 -3.30 3.49
N GLY C 68 -25.03 -3.66 2.36
CA GLY C 68 -23.62 -3.96 2.30
C GLY C 68 -22.89 -2.75 1.76
N GLY C 69 -21.62 -2.93 1.44
CA GLY C 69 -20.82 -1.82 0.92
C GLY C 69 -19.92 -1.19 1.97
N LYS C 70 -18.88 -0.50 1.53
CA LYS C 70 -17.91 0.08 2.45
C LYS C 70 -18.50 1.07 3.44
N THR C 71 -19.44 1.89 2.99
CA THR C 71 -19.97 2.93 3.85
C THR C 71 -20.75 2.31 5.01
N PRO C 72 -21.72 1.41 4.72
CA PRO C 72 -22.37 0.75 5.87
C PRO C 72 -21.42 -0.10 6.73
N ILE C 73 -20.50 -0.84 6.12
CA ILE C 73 -19.50 -1.60 6.87
C ILE C 73 -18.72 -0.77 7.91
N ASP C 74 -18.26 0.41 7.51
CA ASP C 74 -17.50 1.26 8.45
C ASP C 74 -18.38 1.75 9.62
N VAL C 75 -19.65 1.99 9.34
CA VAL C 75 -20.63 2.25 10.39
C VAL C 75 -20.84 1.03 11.31
N TYR C 76 -21.09 -0.15 10.74
CA TYR C 76 -21.28 -1.37 11.53
C TYR C 76 -20.11 -1.68 12.49
N LYS C 77 -18.89 -1.41 12.04
CA LYS C 77 -17.68 -1.55 12.87
C LYS C 77 -17.72 -0.69 14.14
N ASN C 78 -18.48 0.39 14.12
CA ASN C 78 -18.54 1.28 15.26
C ASN C 78 -19.67 0.93 16.22
N ILE C 79 -20.55 0.02 15.82
CA ILE C 79 -21.71 -0.30 16.65
C ILE C 79 -21.31 -0.90 18.01
N ALA C 80 -20.24 -1.68 18.03
CA ALA C 80 -19.68 -2.22 19.29
C ALA C 80 -19.13 -1.16 20.25
N LEU C 81 -18.76 0.01 19.73
CA LEU C 81 -18.21 1.08 20.54
C LEU C 81 -19.28 1.83 21.36
N VAL C 82 -20.55 1.58 21.06
CA VAL C 82 -21.62 2.38 21.67
C VAL C 82 -22.06 1.77 23.00
N LYS C 83 -21.85 2.52 24.09
CA LYS C 83 -21.82 1.95 25.45
C LYS C 83 -22.93 2.48 26.37
N ASP C 84 -23.58 3.58 25.99
CA ASP C 84 -24.38 4.35 26.95
C ASP C 84 -25.87 3.99 26.91
N ILE C 85 -26.19 2.84 26.31
CA ILE C 85 -27.56 2.36 26.29
C ILE C 85 -27.56 0.83 26.15
N LYS C 86 -28.66 0.23 26.61
CA LYS C 86 -28.76 -1.21 26.75
C LYS C 86 -29.55 -1.78 25.58
N ILE C 87 -28.96 -2.78 24.91
CA ILE C 87 -29.65 -3.54 23.88
C ILE C 87 -29.53 -5.01 24.25
N ASP C 88 -30.66 -5.70 24.27
CA ASP C 88 -30.69 -7.15 24.38
C ASP C 88 -30.55 -7.75 22.98
N THR C 89 -29.33 -8.18 22.66
CA THR C 89 -28.99 -8.60 21.31
C THR C 89 -29.70 -9.92 21.00
N SER C 90 -30.13 -10.63 22.06
CA SER C 90 -30.74 -11.96 21.87
C SER C 90 -32.13 -11.86 21.25
N LYS C 91 -32.69 -10.67 21.26
CA LYS C 91 -34.04 -10.48 20.78
C LYS C 91 -34.07 -9.83 19.41
N LEU C 92 -32.93 -9.32 18.96
CA LEU C 92 -32.85 -8.62 17.64
C LEU C 92 -33.12 -9.57 16.46
N ILE C 93 -33.72 -9.02 15.41
CA ILE C 93 -33.92 -9.74 14.17
C ILE C 93 -33.25 -8.94 13.06
N PHE C 94 -32.45 -9.62 12.23
CA PHE C 94 -31.75 -8.97 11.12
C PHE C 94 -32.16 -9.60 9.81
N PHE C 95 -32.09 -8.81 8.73
CA PHE C 95 -32.19 -9.33 7.39
C PHE C 95 -31.28 -8.56 6.44
N ILE C 96 -30.95 -9.21 5.34
CA ILE C 96 -30.14 -8.62 4.28
C ILE C 96 -31.08 -7.92 3.29
N ILE C 97 -30.92 -6.61 3.19
CA ILE C 97 -31.71 -5.80 2.26
C ILE C 97 -31.50 -6.16 0.78
N ASP C 98 -30.25 -6.42 0.40
CA ASP C 98 -29.97 -6.87 -0.95
C ASP C 98 -28.65 -7.61 -1.03
N GLU C 99 -28.55 -8.48 -2.02
CA GLU C 99 -27.40 -9.33 -2.17
C GLU C 99 -26.93 -9.38 -3.63
N ARG C 100 -25.62 -9.46 -3.80
CA ARG C 100 -24.99 -9.67 -5.10
C ARG C 100 -24.76 -11.16 -5.30
N TYR C 101 -25.51 -11.74 -6.22
CA TYR C 101 -25.65 -13.17 -6.33
C TYR C 101 -24.54 -13.74 -7.22
N LYS C 102 -23.73 -14.65 -6.64
CA LYS C 102 -22.92 -15.56 -7.44
C LYS C 102 -23.13 -16.93 -6.82
N ARG C 103 -23.68 -17.86 -7.58
CA ARG C 103 -23.94 -19.19 -7.03
C ARG C 103 -22.66 -19.93 -6.63
N ASP C 104 -21.58 -19.66 -7.36
CA ASP C 104 -20.41 -20.52 -7.34
C ASP C 104 -19.27 -19.95 -6.49
N ASP C 105 -19.45 -18.75 -5.93
CA ASP C 105 -18.45 -18.11 -5.05
C ASP C 105 -19.05 -16.94 -4.25
N HIS C 106 -19.07 -17.07 -2.93
CA HIS C 106 -19.78 -16.14 -2.08
C HIS C 106 -18.89 -15.18 -1.29
N LYS C 107 -17.57 -15.27 -1.44
CA LYS C 107 -16.73 -14.56 -0.53
C LYS C 107 -16.81 -13.03 -0.65
N PHE C 108 -17.21 -12.52 -1.80
CA PHE C 108 -17.32 -11.06 -1.92
C PHE C 108 -18.72 -10.54 -1.57
N SER C 109 -19.59 -11.41 -1.08
CA SER C 109 -21.01 -11.03 -0.88
C SER C 109 -21.21 -10.04 0.26
N ASN C 110 -22.34 -9.34 0.23
CA ASN C 110 -22.72 -8.48 1.36
C ASN C 110 -22.79 -9.23 2.68
N TYR C 111 -23.46 -10.38 2.71
CA TYR C 111 -23.55 -11.18 3.94
C TYR C 111 -22.17 -11.46 4.49
N ASN C 112 -21.25 -11.93 3.64
CA ASN C 112 -19.96 -12.36 4.11
C ASN C 112 -19.09 -11.19 4.51
N ASN C 113 -19.33 -10.04 3.89
CA ASN C 113 -18.66 -8.79 4.26
C ASN C 113 -19.21 -8.14 5.51
N ILE C 114 -20.45 -8.42 5.87
CA ILE C 114 -21.03 -7.81 7.08
C ILE C 114 -21.20 -8.75 8.29
N LYS C 115 -21.01 -10.05 8.10
CA LYS C 115 -21.30 -11.03 9.16
C LYS C 115 -20.42 -10.88 10.42
N PHE C 116 -19.29 -10.19 10.32
CA PHE C 116 -18.54 -9.80 11.54
C PHE C 116 -19.45 -9.10 12.58
N LEU C 117 -20.43 -8.32 12.11
CA LEU C 117 -21.37 -7.64 13.02
C LEU C 117 -22.13 -8.66 13.83
N PHE C 118 -22.60 -9.71 13.18
CA PHE C 118 -23.39 -10.73 13.89
C PHE C 118 -22.48 -11.40 14.93
N GLU C 119 -21.24 -11.63 14.57
CA GLU C 119 -20.30 -12.20 15.51
C GLU C 119 -20.04 -11.28 16.72
N SER C 120 -19.80 -10.00 16.47
CA SER C 120 -19.60 -9.04 17.57
C SER C 120 -20.81 -8.95 18.52
N LEU C 121 -22.01 -9.05 17.96
CA LEU C 121 -23.24 -8.96 18.74
C LEU C 121 -23.70 -10.31 19.28
N LYS C 122 -22.94 -11.37 18.97
CA LYS C 122 -23.21 -12.73 19.45
C LYS C 122 -24.59 -13.20 19.03
N ILE C 123 -24.95 -12.87 17.79
CA ILE C 123 -26.24 -13.24 17.20
C ILE C 123 -26.31 -14.74 16.86
N ASN C 124 -27.43 -15.37 17.20
CA ASN C 124 -27.69 -16.73 16.74
C ASN C 124 -28.34 -16.61 15.37
N GLU C 125 -27.52 -16.75 14.33
CA GLU C 125 -27.94 -16.44 12.98
C GLU C 125 -29.09 -17.34 12.55
N LYS C 126 -29.05 -18.60 12.96
CA LYS C 126 -30.09 -19.57 12.60
C LYS C 126 -31.45 -19.09 13.09
N GLU C 127 -31.46 -18.40 14.21
CA GLU C 127 -32.70 -17.98 14.83
C GLU C 127 -33.03 -16.51 14.51
N GLN C 128 -32.00 -15.71 14.23
CA GLN C 128 -32.15 -14.25 14.26
C GLN C 128 -31.85 -13.56 12.95
N LEU C 129 -31.27 -14.27 11.98
CA LEU C 129 -30.86 -13.64 10.70
C LEU C 129 -31.63 -14.27 9.55
N TYR C 130 -32.29 -13.44 8.75
CA TYR C 130 -32.91 -13.89 7.49
C TYR C 130 -31.99 -13.44 6.34
N ARG C 131 -31.58 -14.39 5.52
CA ARG C 131 -30.71 -14.10 4.39
C ARG C 131 -30.97 -15.07 3.26
N PRO C 132 -30.62 -14.68 2.03
CA PRO C 132 -30.88 -15.59 0.91
C PRO C 132 -29.92 -16.77 0.87
N ASP C 133 -30.42 -17.93 0.48
CA ASP C 133 -29.57 -19.09 0.21
C ASP C 133 -29.03 -19.00 -1.19
N THR C 134 -27.84 -18.40 -1.33
CA THR C 134 -27.25 -18.17 -2.62
C THR C 134 -26.52 -19.40 -3.17
N SER C 135 -26.67 -20.55 -2.50
CA SER C 135 -26.30 -21.85 -3.12
C SER C 135 -27.37 -22.36 -4.07
N LYS C 136 -28.58 -21.79 -3.96
CA LYS C 136 -29.71 -22.14 -4.85
C LYS C 136 -29.57 -21.41 -6.18
N ASN C 137 -30.16 -21.99 -7.22
CA ASN C 137 -30.27 -21.32 -8.51
C ASN C 137 -31.10 -20.07 -8.33
N ILE C 138 -30.97 -19.14 -9.25
CA ILE C 138 -31.43 -17.76 -9.00
C ILE C 138 -32.93 -17.75 -8.71
N VAL C 139 -33.71 -18.53 -9.44
CA VAL C 139 -35.15 -18.51 -9.27
C VAL C 139 -35.56 -19.01 -7.89
N GLU C 140 -35.05 -20.17 -7.53
CA GLU C 140 -35.32 -20.75 -6.21
C GLU C 140 -34.76 -19.87 -5.07
N CYS C 141 -33.60 -19.25 -5.30
CA CYS C 141 -33.02 -18.33 -4.33
C CYS C 141 -33.99 -17.17 -3.99
N VAL C 142 -34.51 -16.55 -5.05
CA VAL C 142 -35.45 -15.44 -4.90
C VAL C 142 -36.76 -15.89 -4.24
N ARG C 143 -37.34 -16.99 -4.70
CA ARG C 143 -38.57 -17.45 -4.14
C ARG C 143 -38.43 -17.84 -2.66
N ASP C 144 -37.31 -18.51 -2.34
CA ASP C 144 -37.02 -18.91 -0.97
C ASP C 144 -36.84 -17.71 -0.03
N TYR C 145 -36.13 -16.68 -0.48
CA TYR C 145 -35.91 -15.52 0.33
C TYR C 145 -37.21 -14.72 0.42
N ASN C 146 -37.99 -14.71 -0.67
CA ASN C 146 -39.34 -14.14 -0.61
C ASN C 146 -40.17 -14.73 0.53
N GLU C 147 -40.15 -16.05 0.65
CA GLU C 147 -40.92 -16.75 1.68
C GLU C 147 -40.37 -16.49 3.08
N LYS C 148 -39.06 -16.40 3.19
CA LYS C 148 -38.39 -16.07 4.46
C LYS C 148 -38.80 -14.68 4.95
N ILE C 149 -38.75 -13.72 4.06
CA ILE C 149 -39.12 -12.33 4.43
C ILE C 149 -40.60 -12.27 4.77
N LYS C 150 -41.42 -12.96 3.99
CA LYS C 150 -42.84 -13.03 4.29
CA LYS C 150 -42.85 -13.05 4.28
C LYS C 150 -43.04 -13.57 5.71
N ASN C 151 -42.34 -14.64 6.05
CA ASN C 151 -42.43 -15.24 7.37
C ASN C 151 -41.96 -14.32 8.48
N MSE C 152 -40.86 -13.60 8.23
CA MSE C 152 -40.35 -12.65 9.18
C MSE C 152 -41.39 -11.56 9.44
O MSE C 152 -41.61 -11.17 10.59
CB MSE C 152 -39.04 -12.02 8.62
CG MSE C 152 -38.43 -10.94 9.50
SE MSE C 152 -36.96 -10.06 8.56
CE MSE C 152 -37.96 -8.80 7.50
N VAL C 153 -42.03 -11.06 8.39
CA VAL C 153 -42.99 -9.98 8.52
C VAL C 153 -44.27 -10.46 9.26
N LYS C 154 -44.70 -11.68 9.00
CA LYS C 154 -45.83 -12.26 9.73
C LYS C 154 -45.50 -12.38 11.21
N LYS C 155 -44.29 -12.86 11.50
CA LYS C 155 -43.87 -13.11 12.88
C LYS C 155 -43.56 -11.82 13.67
N TYR C 156 -42.96 -10.83 13.02
CA TYR C 156 -42.46 -9.65 13.74
C TYR C 156 -43.08 -8.35 13.26
N THR C 157 -44.15 -8.47 12.49
CA THR C 157 -45.08 -7.40 12.12
C THR C 157 -44.62 -6.48 10.99
N LYS C 158 -43.42 -5.90 11.14
CA LYS C 158 -42.98 -4.78 10.37
C LYS C 158 -41.45 -4.75 10.44
N VAL C 159 -40.80 -4.23 9.41
CA VAL C 159 -39.40 -3.77 9.52
C VAL C 159 -39.34 -2.50 10.38
N ASP C 160 -38.50 -2.53 11.40
CA ASP C 160 -38.31 -1.37 12.25
C ASP C 160 -37.29 -0.38 11.72
N ILE C 161 -36.13 -0.88 11.31
CA ILE C 161 -35.05 -0.01 10.84
C ILE C 161 -34.46 -0.54 9.55
N ALA C 162 -34.35 0.33 8.55
CA ALA C 162 -33.62 0.01 7.32
C ALA C 162 -32.45 0.94 7.07
N ILE C 163 -31.27 0.31 6.94
CA ILE C 163 -30.01 1.00 6.77
CA ILE C 163 -30.03 1.04 6.75
C ILE C 163 -29.59 0.95 5.31
N LEU C 164 -29.50 2.12 4.67
CA LEU C 164 -29.47 2.22 3.22
C LEU C 164 -28.36 3.12 2.70
N GLY C 165 -27.90 2.83 1.48
CA GLY C 165 -27.10 3.79 0.70
C GLY C 165 -27.79 4.16 -0.61
N MSE C 166 -27.13 4.99 -1.40
CA MSE C 166 -27.64 5.31 -2.75
C MSE C 166 -26.50 5.45 -3.71
O MSE C 166 -25.45 6.05 -3.38
CB MSE C 166 -28.47 6.60 -2.71
CG MSE C 166 -29.23 6.86 -3.96
SE MSE C 166 -30.38 8.46 -3.89
CE MSE C 166 -28.99 9.81 -4.20
N GLY C 167 -26.68 4.90 -4.90
CA GLY C 167 -25.64 4.89 -5.90
C GLY C 167 -25.74 6.11 -6.79
N SER C 168 -24.75 6.25 -7.69
CA SER C 168 -24.71 7.39 -8.64
C SER C 168 -25.82 7.34 -9.70
N ASP C 169 -26.48 6.18 -9.85
CA ASP C 169 -27.68 6.05 -10.70
C ASP C 169 -28.98 6.13 -9.90
N PHE C 170 -28.91 6.60 -8.67
CA PHE C 170 -30.07 6.73 -7.76
C PHE C 170 -30.67 5.43 -7.24
N HIS C 171 -30.03 4.30 -7.50
CA HIS C 171 -30.51 3.04 -6.93
C HIS C 171 -30.27 2.98 -5.42
N ILE C 172 -31.13 2.24 -4.75
CA ILE C 172 -30.97 1.90 -3.31
C ILE C 172 -31.21 0.41 -3.21
N ALA C 173 -30.67 -0.24 -2.19
CA ALA C 173 -30.78 -1.71 -2.12
C ALA C 173 -30.21 -2.28 -3.42
N SER C 174 -30.92 -3.23 -4.06
CA SER C 174 -30.64 -3.52 -5.49
C SER C 174 -31.86 -3.22 -6.34
N LEU C 175 -32.48 -2.08 -6.03
CA LEU C 175 -33.61 -1.56 -6.77
C LEU C 175 -33.13 -0.54 -7.78
N PHE C 176 -32.85 -1.06 -8.99
CA PHE C 176 -32.22 -0.33 -10.07
C PHE C 176 -33.29 0.28 -10.96
N PRO C 177 -33.27 1.59 -11.14
CA PRO C 177 -34.08 2.26 -12.18
C PRO C 177 -33.89 1.61 -13.57
N ASN C 178 -34.95 1.41 -14.36
CA ASN C 178 -36.34 1.65 -13.96
C ASN C 178 -36.85 0.43 -13.18
N ILE C 179 -37.27 0.64 -11.93
CA ILE C 179 -37.51 -0.46 -11.00
C ILE C 179 -38.65 -1.34 -11.52
N PHE C 180 -39.69 -0.70 -12.05
CA PHE C 180 -40.78 -1.47 -12.65
C PHE C 180 -40.35 -2.27 -13.88
N PHE C 181 -39.64 -1.64 -14.82
CA PHE C 181 -39.17 -2.35 -16.01
C PHE C 181 -38.26 -3.52 -15.65
N ASN C 182 -37.29 -3.23 -14.78
CA ASN C 182 -36.29 -4.17 -14.33
C ASN C 182 -36.94 -5.34 -13.57
N ILE C 183 -37.74 -5.06 -12.55
CA ILE C 183 -38.47 -6.14 -11.87
C ILE C 183 -39.41 -6.91 -12.81
N TYR C 184 -40.17 -6.21 -13.66
CA TYR C 184 -41.11 -6.92 -14.53
C TYR C 184 -40.41 -7.88 -15.46
N MSE C 185 -39.42 -7.37 -16.19
CA MSE C 185 -38.70 -8.17 -17.18
C MSE C 185 -37.90 -9.33 -16.53
O MSE C 185 -37.76 -10.41 -17.12
CB MSE C 185 -37.75 -7.29 -18.00
CG MSE C 185 -38.45 -6.23 -18.88
SE MSE C 185 -39.73 -7.01 -20.14
CE MSE C 185 -38.39 -7.50 -21.45
N ASN C 186 -37.38 -9.12 -15.32
CA ASN C 186 -36.62 -10.20 -14.64
C ASN C 186 -37.43 -11.23 -13.86
N ASN C 187 -38.69 -10.90 -13.53
CA ASN C 187 -39.48 -11.74 -12.60
C ASN C 187 -40.80 -12.22 -13.16
N TYR C 188 -41.52 -11.35 -13.89
CA TYR C 188 -42.93 -11.63 -14.27
C TYR C 188 -43.03 -12.00 -15.73
N GLN C 189 -42.18 -11.40 -16.55
CA GLN C 189 -42.14 -11.73 -17.97
C GLN C 189 -41.89 -13.24 -18.19
N ASN C 190 -42.75 -13.87 -19.01
CA ASN C 190 -42.76 -15.32 -19.18
C ASN C 190 -42.85 -16.13 -17.85
N SER C 191 -43.44 -15.54 -16.81
CA SER C 191 -43.56 -16.16 -15.46
C SER C 191 -42.25 -16.75 -14.94
N TYR C 192 -41.12 -16.04 -15.11
CA TYR C 192 -39.81 -16.64 -14.84
C TYR C 192 -39.62 -16.88 -13.33
N ILE C 193 -40.12 -15.97 -12.51
CA ILE C 193 -40.05 -16.17 -11.07
C ILE C 193 -41.41 -16.17 -10.43
N TYR C 194 -42.21 -15.17 -10.77
CA TYR C 194 -43.60 -15.12 -10.32
C TYR C 194 -44.53 -15.18 -11.52
N ASP C 195 -45.76 -15.64 -11.28
CA ASP C 195 -46.77 -15.77 -12.35
C ASP C 195 -47.14 -14.42 -12.98
N GLU C 196 -46.99 -14.37 -14.29
CA GLU C 196 -47.33 -13.21 -15.13
C GLU C 196 -48.81 -12.84 -15.06
N SER C 197 -49.67 -13.83 -14.82
CA SER C 197 -51.10 -13.57 -14.75
C SER C 197 -51.51 -13.15 -13.33
N SER C 198 -50.55 -13.14 -12.42
CA SER C 198 -50.76 -12.57 -11.07
C SER C 198 -50.62 -11.04 -11.04
N ILE C 199 -50.34 -10.44 -12.20
CA ILE C 199 -50.17 -8.99 -12.33
C ILE C 199 -50.89 -8.52 -13.61
N LYS C 200 -51.31 -7.26 -13.64
CA LYS C 200 -52.00 -6.67 -14.81
C LYS C 200 -51.45 -5.29 -15.23
N VAL C 201 -50.52 -5.27 -16.20
CA VAL C 201 -49.78 -4.05 -16.58
C VAL C 201 -50.55 -3.19 -17.60
N ALA C 202 -50.43 -1.86 -17.47
CA ALA C 202 -51.00 -0.93 -18.47
C ALA C 202 -49.94 -0.01 -19.07
N ASN C 203 -50.09 0.28 -20.36
CA ASN C 203 -49.30 1.32 -21.02
C ASN C 203 -50.00 2.67 -20.93
N THR C 207 -51.03 3.86 -17.80
CA THR C 207 -50.92 4.37 -16.44
C THR C 207 -49.50 4.85 -16.16
N SER C 208 -49.31 5.48 -14.99
CA SER C 208 -47.98 5.93 -14.59
C SER C 208 -47.12 4.73 -14.14
N ASP C 209 -45.80 4.89 -14.22
CA ASP C 209 -44.92 3.91 -13.65
C ASP C 209 -45.27 3.72 -12.17
N ASN C 210 -45.63 4.80 -11.47
CA ASN C 210 -45.91 4.69 -10.03
C ASN C 210 -47.08 3.74 -9.77
N ASP C 211 -48.08 3.83 -10.62
CA ASP C 211 -49.26 3.01 -10.50
C ASP C 211 -48.94 1.54 -10.79
N ASN C 212 -48.09 1.31 -11.79
CA ASN C 212 -47.69 -0.06 -12.14
C ASN C 212 -46.82 -0.66 -11.03
N LEU C 213 -45.95 0.16 -10.46
CA LEU C 213 -45.10 -0.26 -9.36
C LEU C 213 -45.96 -0.75 -8.17
N ASP C 214 -47.10 -0.11 -7.94
CA ASP C 214 -48.04 -0.55 -6.89
C ASP C 214 -48.57 -1.97 -7.09
N LEU C 215 -48.47 -2.50 -8.30
CA LEU C 215 -49.00 -3.81 -8.56
C LEU C 215 -48.03 -4.90 -8.06
N LEU C 216 -46.80 -4.50 -7.74
CA LEU C 216 -45.76 -5.45 -7.30
C LEU C 216 -45.95 -5.85 -5.86
N LYS C 217 -46.42 -7.07 -5.61
CA LYS C 217 -46.84 -7.46 -4.27
C LYS C 217 -45.87 -8.39 -3.51
N GLU C 218 -44.77 -8.81 -4.13
CA GLU C 218 -43.87 -9.72 -3.45
C GLU C 218 -42.89 -8.94 -2.58
N TYR C 219 -42.19 -9.69 -1.73
CA TYR C 219 -41.23 -9.13 -0.75
C TYR C 219 -39.82 -9.09 -1.29
N VAL C 220 -39.50 -10.02 -2.18
CA VAL C 220 -38.16 -10.15 -2.74
C VAL C 220 -38.21 -10.36 -4.26
N TYR C 221 -37.34 -9.66 -4.95
CA TYR C 221 -37.21 -9.77 -6.40
C TYR C 221 -35.77 -9.99 -6.91
N PHE C 222 -35.70 -10.57 -8.11
CA PHE C 222 -34.50 -10.62 -8.93
C PHE C 222 -34.36 -9.31 -9.73
N THR C 223 -33.20 -8.65 -9.61
CA THR C 223 -32.88 -7.51 -10.45
C THR C 223 -31.49 -7.66 -11.05
N THR C 224 -31.23 -6.88 -12.09
CA THR C 224 -29.93 -6.93 -12.73
C THR C 224 -29.33 -5.58 -12.94
N THR C 225 -28.00 -5.58 -13.04
CA THR C 225 -27.21 -4.41 -13.34
C THR C 225 -26.01 -4.90 -14.19
N ASN C 226 -24.96 -4.12 -14.29
CA ASN C 226 -23.85 -4.48 -15.14
C ASN C 226 -23.02 -5.60 -14.54
N ASN C 227 -22.26 -6.26 -15.39
CA ASN C 227 -21.53 -7.47 -15.00
C ASN C 227 -20.35 -7.16 -14.08
N PHE C 228 -19.80 -5.96 -14.21
CA PHE C 228 -18.68 -5.56 -13.37
C PHE C 228 -19.08 -5.47 -11.90
N ASP C 229 -20.31 -4.98 -11.65
CA ASP C 229 -20.84 -4.73 -10.31
C ASP C 229 -21.57 -5.94 -9.76
N VAL C 230 -21.48 -7.03 -10.51
CA VAL C 230 -22.15 -8.30 -10.27
C VAL C 230 -23.56 -8.23 -10.83
N ARG C 231 -23.79 -8.85 -11.98
CA ARG C 231 -25.00 -8.62 -12.77
C ARG C 231 -26.30 -9.01 -12.01
N LYS C 232 -26.32 -10.21 -11.41
CA LYS C 232 -27.52 -10.71 -10.76
C LYS C 232 -27.61 -10.27 -9.31
N ARG C 233 -28.78 -9.71 -8.94
CA ARG C 233 -29.04 -9.25 -7.58
C ARG C 233 -30.34 -9.78 -7.04
N ILE C 234 -30.41 -9.85 -5.71
CA ILE C 234 -31.60 -10.18 -4.97
C ILE C 234 -31.88 -8.97 -4.09
N THR C 235 -33.13 -8.52 -4.11
CA THR C 235 -33.47 -7.30 -3.36
C THR C 235 -34.81 -7.49 -2.70
N VAL C 236 -34.95 -6.98 -1.50
CA VAL C 236 -36.27 -6.76 -0.91
C VAL C 236 -36.98 -5.64 -1.67
N SER C 237 -38.31 -5.64 -1.61
CA SER C 237 -39.11 -4.74 -2.43
C SER C 237 -39.10 -3.30 -1.88
N LEU C 238 -39.34 -2.35 -2.77
CA LEU C 238 -39.50 -0.96 -2.40
C LEU C 238 -40.63 -0.79 -1.40
N ASP C 239 -41.72 -1.55 -1.58
CA ASP C 239 -42.87 -1.54 -0.66
C ASP C 239 -42.49 -1.93 0.76
N LEU C 240 -41.76 -3.05 0.91
CA LEU C 240 -41.22 -3.44 2.20
C LEU C 240 -40.42 -2.32 2.87
N LEU C 241 -39.46 -1.75 2.16
CA LEU C 241 -38.66 -0.66 2.68
C LEU C 241 -39.53 0.56 3.08
N GLY C 242 -40.51 0.91 2.23
CA GLY C 242 -41.47 1.98 2.54
C GLY C 242 -42.26 1.82 3.83
N ASN C 243 -42.59 0.58 4.16
CA ASN C 243 -43.29 0.21 5.39
C ASN C 243 -42.37 0.17 6.64
N ALA C 244 -41.05 0.28 6.45
CA ALA C 244 -40.12 0.36 7.56
C ALA C 244 -40.41 1.59 8.46
N SER C 245 -40.33 1.38 9.77
CA SER C 245 -40.70 2.44 10.72
CA SER C 245 -40.70 2.43 10.73
C SER C 245 -39.66 3.55 10.70
N SER C 246 -38.42 3.19 10.35
CA SER C 246 -37.31 4.14 10.20
C SER C 246 -36.45 3.74 9.02
N LYS C 247 -36.10 4.72 8.19
CA LYS C 247 -35.15 4.51 7.10
C LYS C 247 -33.98 5.45 7.29
N ILE C 248 -32.78 4.89 7.30
CA ILE C 248 -31.56 5.66 7.55
C ILE C 248 -30.62 5.56 6.33
N PHE C 249 -30.39 6.70 5.69
CA PHE C 249 -29.48 6.82 4.58
C PHE C 249 -28.11 7.29 5.07
N LEU C 250 -27.05 6.71 4.51
CA LEU C 250 -25.70 7.04 4.89
C LEU C 250 -24.97 7.73 3.72
N LEU C 251 -24.87 9.06 3.76
CA LEU C 251 -24.36 9.83 2.61
C LEU C 251 -23.12 10.59 3.05
N ASN C 252 -21.96 9.97 2.94
CA ASN C 252 -20.76 10.48 3.61
C ASN C 252 -19.75 11.17 2.68
N SER C 253 -20.21 11.66 1.54
CA SER C 253 -19.35 12.46 0.66
C SER C 253 -20.13 13.58 0.01
N THR C 254 -19.42 14.58 -0.47
CA THR C 254 -20.06 15.66 -1.24
C THR C 254 -20.64 15.13 -2.56
N ASP C 255 -20.06 14.06 -3.14
CA ASP C 255 -20.63 13.46 -4.37
C ASP C 255 -22.02 12.86 -4.10
N LYS C 256 -22.15 12.18 -2.96
CA LYS C 256 -23.43 11.62 -2.53
CA LYS C 256 -23.42 11.62 -2.53
C LYS C 256 -24.42 12.73 -2.17
N LEU C 257 -23.93 13.79 -1.51
CA LEU C 257 -24.80 14.90 -1.13
C LEU C 257 -25.25 15.74 -2.35
N ASP C 258 -24.37 15.84 -3.35
CA ASP C 258 -24.71 16.44 -4.66
C ASP C 258 -25.81 15.66 -5.37
N LEU C 259 -25.68 14.32 -5.35
CA LEU C 259 -26.69 13.44 -5.93
C LEU C 259 -28.05 13.53 -5.24
N TRP C 260 -28.06 13.59 -3.92
CA TRP C 260 -29.30 13.70 -3.17
C TRP C 260 -29.97 15.04 -3.54
N LYS C 261 -29.19 16.12 -3.58
CA LYS C 261 -29.75 17.42 -3.98
C LYS C 261 -30.29 17.41 -5.42
N ASN C 262 -29.53 16.88 -6.37
CA ASN C 262 -30.00 16.81 -7.75
CA ASN C 262 -29.98 16.76 -7.76
C ASN C 262 -31.29 15.96 -7.87
N MSE C 263 -31.35 14.86 -7.13
CA MSE C 263 -32.56 14.06 -7.04
C MSE C 263 -33.76 14.87 -6.56
O MSE C 263 -34.85 14.79 -7.14
CB MSE C 263 -32.33 12.88 -6.09
CG MSE C 263 -33.56 12.00 -5.88
SE MSE C 263 -33.22 10.70 -4.46
CE MSE C 263 -33.49 11.81 -2.89
N LEU C 264 -33.56 15.62 -5.47
CA LEU C 264 -34.65 16.42 -4.93
C LEU C 264 -35.11 17.51 -5.92
N LEU C 265 -34.17 18.08 -6.67
CA LEU C 265 -34.47 19.09 -7.66
C LEU C 265 -35.28 18.47 -8.79
N LYS C 266 -34.88 17.30 -9.22
CA LYS C 266 -35.47 16.68 -10.43
C LYS C 266 -36.78 15.99 -10.11
N SER C 267 -36.98 15.60 -8.85
CA SER C 267 -38.17 14.93 -8.41
C SER C 267 -39.23 15.90 -7.86
N TYR C 268 -38.94 17.19 -7.81
CA TYR C 268 -39.90 18.16 -7.26
C TYR C 268 -41.28 18.14 -8.00
N VAL C 269 -41.25 17.93 -9.31
CA VAL C 269 -42.45 17.74 -10.10
C VAL C 269 -42.57 16.34 -10.67
N ASP C 270 -43.71 15.74 -10.42
CA ASP C 270 -44.09 14.47 -11.01
C ASP C 270 -43.03 13.39 -10.77
N VAL C 271 -42.61 13.24 -9.52
CA VAL C 271 -41.61 12.16 -9.19
C VAL C 271 -42.05 10.79 -9.74
N ASN C 272 -41.13 10.11 -10.41
CA ASN C 272 -41.28 8.72 -10.79
C ASN C 272 -40.47 7.89 -9.78
N TYR C 273 -41.18 7.22 -8.88
CA TYR C 273 -40.55 6.42 -7.84
C TYR C 273 -39.72 5.26 -8.42
N CYS C 274 -39.99 4.87 -9.68
CA CYS C 274 -39.21 3.79 -10.36
C CYS C 274 -37.85 4.30 -10.79
N LEU C 275 -37.68 5.61 -10.76
CA LEU C 275 -36.41 6.24 -11.11
C LEU C 275 -35.70 6.89 -9.93
N TYR C 276 -36.47 7.30 -8.92
CA TYR C 276 -35.94 7.92 -7.67
C TYR C 276 -36.52 7.24 -6.43
N PRO C 277 -36.12 5.98 -6.19
CA PRO C 277 -36.78 5.21 -5.13
C PRO C 277 -36.61 5.80 -3.74
N ALA C 278 -35.51 6.50 -3.48
CA ALA C 278 -35.33 7.19 -2.19
C ALA C 278 -36.48 8.13 -1.92
N VAL C 279 -37.06 8.75 -2.96
CA VAL C 279 -38.17 9.70 -2.75
C VAL C 279 -39.44 8.96 -2.32
N TYR C 280 -39.60 7.72 -2.78
CA TYR C 280 -40.69 6.88 -2.26
C TYR C 280 -40.58 6.71 -0.74
N LEU C 281 -39.37 6.43 -0.27
CA LEU C 281 -39.12 6.31 1.16
C LEU C 281 -39.36 7.64 1.91
N ILE C 282 -38.90 8.74 1.33
CA ILE C 282 -39.16 10.06 1.91
C ILE C 282 -40.66 10.28 2.09
N ASP C 283 -41.40 10.03 1.03
CA ASP C 283 -42.85 10.20 1.02
C ASP C 283 -43.59 9.23 1.92
N SER C 284 -42.99 8.07 2.17
CA SER C 284 -43.53 7.09 3.13
C SER C 284 -43.24 7.45 4.61
N MSE C 285 -42.49 8.54 4.82
CA MSE C 285 -42.26 9.16 6.14
CA MSE C 285 -42.27 9.15 6.14
C MSE C 285 -41.15 8.46 6.90
O MSE C 285 -40.78 7.31 6.61
CB MSE C 285 -43.54 9.20 6.99
CB MSE C 285 -43.57 9.19 6.96
CG MSE C 285 -44.60 10.22 6.54
CG MSE C 285 -44.77 9.83 6.23
SE MSE C 285 -46.19 10.10 7.67
SE MSE C 285 -44.44 11.69 5.86
CE MSE C 285 -45.38 10.31 9.45
CE MSE C 285 -44.85 12.40 7.63
N ASN C 286 -40.59 9.16 7.87
CA ASN C 286 -39.60 8.57 8.80
C ASN C 286 -38.27 8.21 8.13
N THR C 287 -37.92 8.97 7.11
CA THR C 287 -36.58 8.91 6.54
C THR C 287 -35.64 9.92 7.22
N THR C 288 -34.47 9.40 7.58
CA THR C 288 -33.35 10.18 8.15
C THR C 288 -32.13 10.00 7.27
N VAL C 289 -31.34 11.05 7.14
CA VAL C 289 -30.13 11.06 6.35
C VAL C 289 -28.97 11.53 7.24
N VAL C 290 -27.92 10.73 7.32
CA VAL C 290 -26.68 11.16 7.95
C VAL C 290 -25.75 11.63 6.85
N THR C 291 -25.14 12.79 7.05
CA THR C 291 -24.39 13.44 6.01
C THR C 291 -22.95 13.76 6.43
N CYS C 292 -22.07 13.79 5.47
CA CYS C 292 -20.75 14.35 5.66
C CYS C 292 -20.26 14.95 4.36
N GLY C 293 -19.74 16.18 4.42
CA GLY C 293 -19.18 16.86 3.23
C GLY C 293 -19.54 18.35 3.12
N TYR C 294 -20.77 18.70 3.50
CA TYR C 294 -21.24 20.08 3.39
C TYR C 294 -21.82 20.58 4.70
N THR C 295 -21.29 21.67 5.22
CA THR C 295 -21.77 22.22 6.48
C THR C 295 -23.13 22.87 6.27
N ASN C 296 -24.04 22.64 7.24
CA ASN C 296 -25.44 23.09 7.15
C ASN C 296 -26.06 22.69 5.83
N TYR C 297 -25.92 21.41 5.50
CA TYR C 297 -26.39 20.89 4.25
C TYR C 297 -27.85 21.18 3.94
N PRO C 298 -28.74 21.13 4.94
CA PRO C 298 -30.16 21.39 4.63
C PRO C 298 -30.43 22.79 4.06
N GLN C 299 -29.58 23.76 4.42
CA GLN C 299 -29.67 25.09 3.82
C GLN C 299 -29.59 25.02 2.30
N MSE C 300 -28.78 24.09 1.78
CA MSE C 300 -28.57 23.97 0.34
C MSE C 300 -29.78 23.37 -0.36
O MSE C 300 -29.89 23.43 -1.59
CB MSE C 300 -27.33 23.09 0.05
CG MSE C 300 -26.03 23.67 0.55
SE MSE C 300 -24.51 22.45 0.39
CE MSE C 300 -24.65 21.87 -1.42
N LEU C 301 -30.66 22.75 0.41
CA LEU C 301 -31.89 22.13 -0.12
C LEU C 301 -33.13 23.01 0.06
N GLU C 302 -33.07 23.94 1.02
CA GLU C 302 -34.20 24.82 1.35
C GLU C 302 -34.90 25.46 0.15
N ASP C 303 -34.15 25.95 -0.81
CA ASP C 303 -34.75 26.78 -1.86
C ASP C 303 -35.51 25.97 -2.91
N ILE C 304 -35.33 24.65 -2.90
CA ILE C 304 -36.16 23.76 -3.70
C ILE C 304 -37.63 23.89 -3.30
N TYR C 305 -37.88 24.09 -2.01
CA TYR C 305 -39.25 24.06 -1.44
C TYR C 305 -39.78 25.44 -1.06
N VAL C 306 -38.89 26.44 -1.04
CA VAL C 306 -39.19 27.77 -0.50
C VAL C 306 -38.76 28.83 -1.51
N MSE D 9 14.97 -5.04 -22.97
CA MSE D 9 15.26 -6.50 -23.14
C MSE D 9 16.39 -6.71 -24.14
O MSE D 9 16.35 -6.18 -25.26
CB MSE D 9 14.01 -7.26 -23.62
CG MSE D 9 14.26 -8.75 -23.87
SE MSE D 9 12.70 -9.75 -24.57
CE MSE D 9 11.53 -9.63 -23.02
N ASP D 10 17.38 -7.49 -23.74
CA ASP D 10 18.56 -7.71 -24.54
C ASP D 10 18.51 -9.10 -25.19
N CYS D 11 17.87 -9.17 -26.36
CA CYS D 11 17.64 -10.45 -27.04
C CYS D 11 18.94 -11.22 -27.30
N GLN D 12 20.02 -10.50 -27.56
CA GLN D 12 21.33 -11.12 -27.80
C GLN D 12 21.86 -11.80 -26.53
N ALA D 13 21.81 -11.07 -25.42
CA ALA D 13 22.10 -11.64 -24.09
C ALA D 13 21.23 -12.87 -23.80
N LEU D 14 19.96 -12.82 -24.18
CA LEU D 14 19.00 -13.88 -23.86
C LEU D 14 19.21 -15.13 -24.72
N ALA D 15 19.54 -14.93 -25.99
CA ALA D 15 19.88 -16.04 -26.90
C ALA D 15 21.01 -16.91 -26.34
N LYS D 16 21.99 -16.27 -25.69
CA LYS D 16 23.15 -16.95 -25.14
C LYS D 16 22.83 -17.63 -23.81
N SER D 17 21.90 -17.05 -23.05
CA SER D 17 21.35 -17.70 -21.85
C SER D 17 20.72 -19.05 -22.20
N LEU D 18 20.00 -19.11 -23.32
CA LEU D 18 19.31 -20.35 -23.70
C LEU D 18 20.30 -21.47 -23.98
N GLU D 19 21.50 -21.10 -24.41
CA GLU D 19 22.54 -22.09 -24.75
C GLU D 19 23.20 -22.63 -23.47
N GLN D 20 23.21 -21.81 -22.42
CA GLN D 20 23.81 -22.19 -21.13
C GLN D 20 22.89 -23.07 -20.24
N MSE D 21 21.81 -23.61 -20.81
CA MSE D 21 20.80 -24.32 -20.00
C MSE D 21 21.31 -25.67 -19.46
O MSE D 21 22.03 -26.37 -20.15
CB MSE D 21 19.54 -24.53 -20.82
CG MSE D 21 18.68 -23.28 -20.93
SE MSE D 21 16.92 -23.68 -21.70
CE MSE D 21 16.32 -24.93 -20.37
N ASN D 22 20.93 -26.01 -18.23
CA ASN D 22 21.33 -27.27 -17.60
C ASN D 22 20.30 -28.38 -17.81
N HIS D 23 20.80 -29.62 -17.86
CA HIS D 23 19.97 -30.80 -17.97
C HIS D 23 20.19 -31.64 -16.70
N LEU D 24 19.12 -32.20 -16.14
CA LEU D 24 19.23 -33.14 -15.03
C LEU D 24 18.02 -34.08 -15.01
N HIS D 25 18.28 -35.37 -15.21
CA HIS D 25 17.23 -36.42 -15.10
C HIS D 25 16.05 -36.11 -16.03
N ASN D 26 16.39 -35.78 -17.27
CA ASN D 26 15.48 -35.45 -18.40
CA ASN D 26 15.41 -35.52 -18.34
C ASN D 26 14.62 -34.21 -18.19
N VAL D 27 15.06 -33.33 -17.30
CA VAL D 27 14.48 -32.01 -17.20
C VAL D 27 15.55 -31.01 -17.58
N LYS D 28 15.17 -30.04 -18.41
CA LYS D 28 16.02 -28.83 -18.64
C LYS D 28 15.69 -27.67 -17.73
N TYR D 29 16.74 -27.01 -17.26
CA TYR D 29 16.62 -25.89 -16.34
C TYR D 29 17.20 -24.60 -16.91
N LEU D 30 16.40 -23.52 -16.88
CA LEU D 30 16.81 -22.21 -17.31
C LEU D 30 16.76 -21.26 -16.09
N GLU D 31 17.94 -20.80 -15.68
CA GLU D 31 18.09 -20.04 -14.46
C GLU D 31 17.99 -18.54 -14.72
N ALA D 32 17.15 -17.86 -13.95
CA ALA D 32 16.99 -16.42 -14.03
C ALA D 32 17.61 -15.76 -12.80
N LYS D 33 18.09 -14.53 -12.98
CA LYS D 33 18.94 -13.86 -11.97
C LYS D 33 18.08 -13.09 -10.99
N ASP D 34 16.89 -12.70 -11.45
CA ASP D 34 15.94 -11.96 -10.66
C ASP D 34 14.61 -12.02 -11.42
N LEU D 35 13.55 -11.43 -10.86
CA LEU D 35 12.19 -11.61 -11.38
C LEU D 35 11.99 -10.96 -12.75
N THR D 36 12.62 -9.80 -12.99
CA THR D 36 12.60 -9.22 -14.33
C THR D 36 13.29 -10.12 -15.36
N ASP D 37 14.45 -10.63 -15.01
CA ASP D 37 15.18 -11.56 -15.88
C ASP D 37 14.36 -12.84 -16.11
N PHE D 38 13.70 -13.31 -15.06
CA PHE D 38 12.79 -14.47 -15.17
C PHE D 38 11.74 -14.26 -16.24
N ASN D 39 11.07 -13.11 -16.20
CA ASN D 39 9.94 -12.86 -17.11
C ASN D 39 10.42 -12.72 -18.54
N GLN D 40 11.55 -12.05 -18.72
CA GLN D 40 12.16 -11.86 -20.04
C GLN D 40 12.68 -13.17 -20.62
N LYS D 41 13.44 -13.93 -19.81
CA LYS D 41 13.93 -15.24 -20.22
C LYS D 41 12.79 -16.20 -20.56
N SER D 42 11.74 -16.17 -19.75
CA SER D 42 10.62 -17.09 -19.95
C SER D 42 9.93 -16.76 -21.27
N ALA D 43 9.63 -15.47 -21.49
CA ALA D 43 8.96 -15.04 -22.73
C ALA D 43 9.80 -15.38 -23.98
N TYR D 44 11.10 -15.14 -23.91
CA TYR D 44 12.04 -15.41 -25.02
C TYR D 44 12.08 -16.91 -25.38
N TYR D 45 12.27 -17.74 -24.36
CA TYR D 45 12.26 -19.18 -24.53
C TYR D 45 10.94 -19.70 -25.08
N ILE D 46 9.81 -19.16 -24.63
CA ILE D 46 8.53 -19.55 -25.20
C ILE D 46 8.41 -19.18 -26.70
N CYS D 47 8.81 -17.96 -27.06
CA CYS D 47 8.74 -17.53 -28.47
C CYS D 47 9.68 -18.35 -29.33
N HIS D 48 10.88 -18.61 -28.82
CA HIS D 48 11.90 -19.48 -29.49
CA HIS D 48 11.80 -19.39 -29.59
C HIS D 48 11.34 -20.86 -29.71
N GLN D 49 10.66 -21.41 -28.70
CA GLN D 49 10.01 -22.71 -28.85
C GLN D 49 8.90 -22.66 -29.88
N ILE D 50 8.10 -21.59 -29.90
CA ILE D 50 6.99 -21.50 -30.86
C ILE D 50 7.57 -21.47 -32.30
N ALA D 51 8.64 -20.72 -32.48
CA ALA D 51 9.33 -20.58 -33.77
C ALA D 51 9.92 -21.91 -34.28
N GLU D 52 10.53 -22.68 -33.38
CA GLU D 52 11.10 -23.98 -33.73
CA GLU D 52 11.09 -24.00 -33.69
C GLU D 52 10.00 -24.96 -34.15
N LYS D 53 8.88 -24.94 -33.45
CA LYS D 53 7.78 -25.83 -33.77
C LYS D 53 7.12 -25.44 -35.09
N GLN D 54 6.94 -24.15 -35.31
CA GLN D 54 6.20 -23.70 -36.49
C GLN D 54 6.96 -24.10 -37.76
N LEU D 55 8.28 -24.02 -37.69
CA LEU D 55 9.16 -24.26 -38.84
C LEU D 55 9.15 -25.71 -39.33
N SER D 56 8.79 -26.65 -38.45
CA SER D 56 8.77 -28.08 -38.81
C SER D 56 7.35 -28.60 -38.96
N LYS D 57 6.37 -27.73 -38.74
CA LYS D 57 4.99 -28.12 -38.74
C LYS D 57 4.42 -28.00 -40.15
N GLU D 58 3.92 -29.10 -40.69
CA GLU D 58 3.16 -29.04 -41.94
C GLU D 58 2.03 -28.08 -41.69
N GLY D 59 2.04 -26.94 -42.41
CA GLY D 59 0.94 -25.99 -42.35
C GLY D 59 1.19 -24.83 -41.40
N GLY D 60 2.22 -24.94 -40.56
CA GLY D 60 2.65 -23.84 -39.71
C GLY D 60 1.85 -23.59 -38.43
N HIS D 61 0.82 -24.39 -38.16
CA HIS D 61 -0.02 -24.18 -36.99
C HIS D 61 0.60 -24.78 -35.72
N VAL D 62 0.82 -23.94 -34.72
CA VAL D 62 1.40 -24.39 -33.45
C VAL D 62 0.32 -24.26 -32.36
N VAL D 63 0.10 -25.34 -31.60
CA VAL D 63 -0.90 -25.37 -30.54
C VAL D 63 -0.24 -25.10 -29.15
N ILE D 64 -0.71 -24.04 -28.50
CA ILE D 64 -0.12 -23.56 -27.26
C ILE D 64 -1.20 -23.52 -26.15
N GLY D 65 -0.93 -24.22 -25.05
CA GLY D 65 -1.82 -24.22 -23.90
C GLY D 65 -1.33 -23.22 -22.90
N LEU D 66 -2.26 -22.42 -22.38
CA LEU D 66 -1.94 -21.33 -21.47
C LEU D 66 -2.59 -21.56 -20.13
N SER D 67 -1.80 -21.35 -19.10
CA SER D 67 -2.28 -21.30 -17.72
C SER D 67 -2.48 -19.83 -17.32
N GLY D 68 -3.31 -19.61 -16.30
CA GLY D 68 -3.48 -18.30 -15.72
C GLY D 68 -2.65 -18.14 -14.48
N GLY D 69 -2.92 -17.07 -13.73
CA GLY D 69 -2.19 -16.75 -12.52
C GLY D 69 -1.15 -15.67 -12.76
N LYS D 70 -0.70 -15.02 -11.69
CA LYS D 70 0.21 -13.88 -11.79
C LYS D 70 1.54 -14.21 -12.47
N THR D 71 2.09 -15.39 -12.18
CA THR D 71 3.39 -15.79 -12.75
C THR D 71 3.36 -15.91 -14.29
N PRO D 72 2.42 -16.70 -14.83
CA PRO D 72 2.31 -16.73 -16.31
C PRO D 72 1.89 -15.39 -16.96
N ILE D 73 1.03 -14.62 -16.30
CA ILE D 73 0.62 -13.33 -16.81
C ILE D 73 1.81 -12.39 -17.01
N ASP D 74 2.68 -12.26 -16.01
CA ASP D 74 3.87 -11.39 -16.12
C ASP D 74 4.81 -11.81 -17.26
N VAL D 75 4.82 -13.10 -17.54
CA VAL D 75 5.61 -13.62 -18.66
C VAL D 75 4.94 -13.25 -19.99
N TYR D 76 3.63 -13.48 -20.08
CA TYR D 76 2.87 -13.15 -21.28
C TYR D 76 3.01 -11.67 -21.66
N LYS D 77 3.06 -10.80 -20.66
CA LYS D 77 3.28 -9.36 -20.86
C LYS D 77 4.58 -9.12 -21.64
N ASN D 78 5.56 -10.02 -21.51
CA ASN D 78 6.85 -9.83 -22.17
C ASN D 78 6.93 -10.47 -23.58
N ILE D 79 5.95 -11.29 -23.94
CA ILE D 79 5.93 -11.96 -25.23
C ILE D 79 5.94 -11.01 -26.44
N ALA D 80 5.05 -10.02 -26.44
CA ALA D 80 5.02 -9.01 -27.50
C ALA D 80 6.32 -8.21 -27.63
N LEU D 81 7.16 -8.25 -26.60
CA LEU D 81 8.41 -7.47 -26.60
C LEU D 81 9.58 -8.22 -27.22
N VAL D 82 9.38 -9.49 -27.55
CA VAL D 82 10.41 -10.28 -28.21
C VAL D 82 10.39 -9.96 -29.71
N LYS D 83 11.55 -9.59 -30.24
CA LYS D 83 11.63 -9.05 -31.61
C LYS D 83 12.49 -9.93 -32.52
N ASP D 84 13.54 -10.53 -31.97
CA ASP D 84 14.54 -11.21 -32.80
C ASP D 84 14.03 -12.54 -33.39
N ILE D 85 12.71 -12.74 -33.41
CA ILE D 85 12.12 -14.03 -33.76
C ILE D 85 10.98 -13.88 -34.78
N LYS D 86 11.02 -14.67 -35.85
CA LYS D 86 9.91 -14.72 -36.82
C LYS D 86 8.86 -15.73 -36.38
N ILE D 87 7.70 -15.24 -35.95
CA ILE D 87 6.52 -16.11 -35.79
C ILE D 87 5.38 -15.57 -36.63
N ASP D 88 4.67 -16.47 -37.31
CA ASP D 88 3.45 -16.11 -38.00
C ASP D 88 2.26 -16.31 -37.03
N THR D 89 1.82 -15.21 -36.41
CA THR D 89 0.80 -15.29 -35.36
C THR D 89 -0.56 -15.72 -35.88
N SER D 90 -0.78 -15.56 -37.20
CA SER D 90 -2.06 -15.92 -37.79
C SER D 90 -2.29 -17.40 -37.76
N LYS D 91 -1.21 -18.17 -37.60
CA LYS D 91 -1.31 -19.60 -37.60
C LYS D 91 -1.23 -20.21 -36.18
N LEU D 92 -1.10 -19.37 -35.15
CA LEU D 92 -1.10 -19.90 -33.77
C LEU D 92 -2.50 -20.37 -33.36
N ILE D 93 -2.54 -21.43 -32.54
CA ILE D 93 -3.79 -21.93 -31.96
C ILE D 93 -3.54 -21.97 -30.45
N PHE D 94 -4.46 -21.40 -29.70
CA PHE D 94 -4.33 -21.32 -28.25
C PHE D 94 -5.45 -22.08 -27.64
N PHE D 95 -5.21 -22.62 -26.45
CA PHE D 95 -6.28 -23.07 -25.59
C PHE D 95 -5.98 -22.83 -24.14
N ILE D 96 -7.06 -22.79 -23.36
CA ILE D 96 -6.98 -22.53 -21.96
C ILE D 96 -6.81 -23.87 -21.26
N ILE D 97 -5.70 -24.00 -20.54
CA ILE D 97 -5.38 -25.26 -19.82
C ILE D 97 -6.37 -25.54 -18.68
N ASP D 98 -6.74 -24.51 -17.94
CA ASP D 98 -7.70 -24.67 -16.87
C ASP D 98 -8.38 -23.34 -16.54
N GLU D 99 -9.62 -23.44 -16.07
CA GLU D 99 -10.42 -22.26 -15.74
C GLU D 99 -11.08 -22.38 -14.34
N ARG D 100 -11.16 -21.26 -13.65
CA ARG D 100 -11.91 -21.12 -12.41
C ARG D 100 -13.34 -20.72 -12.75
N TYR D 101 -14.26 -21.65 -12.53
CA TYR D 101 -15.61 -21.53 -13.01
C TYR D 101 -16.52 -20.73 -12.07
N LYS D 102 -17.09 -19.66 -12.59
CA LYS D 102 -18.15 -18.92 -11.90
C LYS D 102 -19.15 -18.52 -12.95
N ARG D 103 -20.31 -19.15 -12.99
CA ARG D 103 -21.26 -18.88 -14.06
C ARG D 103 -21.69 -17.40 -14.09
N ASP D 104 -21.72 -16.77 -12.92
CA ASP D 104 -22.45 -15.51 -12.76
C ASP D 104 -21.54 -14.29 -12.74
N ASP D 105 -20.24 -14.50 -12.77
CA ASP D 105 -19.26 -13.41 -12.82
C ASP D 105 -17.94 -13.94 -13.33
N HIS D 106 -17.52 -13.48 -14.50
CA HIS D 106 -16.29 -13.97 -15.12
C HIS D 106 -15.09 -13.00 -14.98
N LYS D 107 -15.32 -11.89 -14.28
CA LYS D 107 -14.33 -10.80 -14.01
C LYS D 107 -12.91 -11.35 -13.71
N PHE D 108 -12.82 -12.31 -12.84
CA PHE D 108 -11.49 -12.69 -12.38
C PHE D 108 -10.97 -13.98 -13.06
N SER D 109 -11.63 -14.43 -14.12
CA SER D 109 -11.28 -15.69 -14.76
C SER D 109 -9.89 -15.64 -15.41
N ASN D 110 -9.32 -16.81 -15.63
CA ASN D 110 -8.01 -16.91 -16.30
C ASN D 110 -8.09 -16.30 -17.70
N TYR D 111 -9.06 -16.73 -18.48
CA TYR D 111 -9.30 -16.13 -19.79
C TYR D 111 -9.32 -14.61 -19.73
N ASN D 112 -10.13 -14.04 -18.85
CA ASN D 112 -10.26 -12.58 -18.83
C ASN D 112 -9.02 -11.88 -18.33
N ASN D 113 -8.26 -12.56 -17.47
CA ASN D 113 -6.94 -12.08 -17.04
C ASN D 113 -5.80 -12.19 -18.06
N ILE D 114 -5.90 -13.09 -19.01
CA ILE D 114 -4.81 -13.27 -19.99
C ILE D 114 -5.18 -12.80 -21.42
N LYS D 115 -6.45 -12.43 -21.64
CA LYS D 115 -6.88 -12.07 -23.00
C LYS D 115 -6.15 -10.86 -23.62
N PHE D 116 -5.50 -10.04 -22.79
CA PHE D 116 -4.68 -8.95 -23.33
C PHE D 116 -3.59 -9.52 -24.25
N LEU D 117 -3.15 -10.75 -24.01
CA LEU D 117 -2.13 -11.39 -24.86
C LEU D 117 -2.63 -11.55 -26.28
N PHE D 118 -3.86 -12.04 -26.42
CA PHE D 118 -4.46 -12.26 -27.72
C PHE D 118 -4.60 -10.93 -28.47
N GLU D 119 -5.01 -9.89 -27.75
CA GLU D 119 -5.06 -8.54 -28.34
C GLU D 119 -3.66 -8.09 -28.78
N SER D 120 -2.65 -8.29 -27.94
CA SER D 120 -1.27 -7.93 -28.28
C SER D 120 -0.77 -8.60 -29.55
N LEU D 121 -1.20 -9.85 -29.77
CA LEU D 121 -0.74 -10.63 -30.92
C LEU D 121 -1.75 -10.54 -32.06
N LYS D 122 -2.74 -9.68 -31.89
CA LYS D 122 -3.79 -9.45 -32.86
C LYS D 122 -4.39 -10.78 -33.32
N ILE D 123 -4.70 -11.62 -32.34
CA ILE D 123 -5.25 -12.96 -32.56
C ILE D 123 -6.74 -12.88 -32.80
N ASN D 124 -7.22 -13.64 -33.80
CA ASN D 124 -8.65 -13.86 -34.05
C ASN D 124 -9.20 -14.97 -33.15
N GLU D 125 -9.77 -14.58 -32.02
CA GLU D 125 -10.13 -15.54 -30.99
C GLU D 125 -11.14 -16.55 -31.50
N LYS D 126 -12.07 -16.10 -32.32
CA LYS D 126 -13.09 -17.02 -32.83
C LYS D 126 -12.50 -18.13 -33.67
N GLU D 127 -11.36 -17.86 -34.31
CA GLU D 127 -10.71 -18.83 -35.19
CA GLU D 127 -10.71 -18.82 -35.19
C GLU D 127 -9.51 -19.52 -34.52
N GLN D 128 -8.93 -18.88 -33.51
CA GLN D 128 -7.62 -19.32 -33.02
C GLN D 128 -7.58 -19.71 -31.53
N LEU D 129 -8.71 -19.59 -30.83
CA LEU D 129 -8.69 -19.81 -29.37
C LEU D 129 -9.76 -20.79 -29.00
N TYR D 130 -9.39 -21.82 -28.26
CA TYR D 130 -10.39 -22.73 -27.67
C TYR D 130 -10.47 -22.42 -26.19
N ARG D 131 -11.69 -22.20 -25.70
CA ARG D 131 -11.90 -21.89 -24.28
C ARG D 131 -13.26 -22.39 -23.84
N PRO D 132 -13.43 -22.65 -22.53
CA PRO D 132 -14.76 -23.10 -22.10
C PRO D 132 -15.82 -21.98 -22.14
N ASP D 133 -17.07 -22.36 -22.41
CA ASP D 133 -18.20 -21.44 -22.31
C ASP D 133 -18.74 -21.49 -20.90
N THR D 134 -18.24 -20.59 -20.07
CA THR D 134 -18.56 -20.57 -18.65
C THR D 134 -19.89 -19.83 -18.35
N SER D 135 -20.65 -19.53 -19.41
CA SER D 135 -22.07 -19.14 -19.26
C SER D 135 -23.00 -20.35 -19.15
N LYS D 136 -22.52 -21.52 -19.58
CA LYS D 136 -23.27 -22.78 -19.41
C LYS D 136 -23.20 -23.25 -17.97
N ASN D 137 -24.13 -24.13 -17.57
CA ASN D 137 -24.02 -24.85 -16.29
C ASN D 137 -22.81 -25.77 -16.32
N ILE D 138 -22.33 -26.21 -15.16
CA ILE D 138 -21.00 -26.85 -15.08
C ILE D 138 -20.95 -28.14 -15.91
N VAL D 139 -22.02 -28.94 -15.86
CA VAL D 139 -22.06 -30.15 -16.67
C VAL D 139 -21.96 -29.85 -18.16
N GLU D 140 -22.76 -28.91 -18.65
CA GLU D 140 -22.76 -28.60 -20.08
C GLU D 140 -21.47 -27.91 -20.47
N CYS D 141 -20.92 -27.13 -19.55
CA CYS D 141 -19.65 -26.45 -19.80
C CYS D 141 -18.51 -27.44 -20.04
N VAL D 142 -18.38 -28.39 -19.12
CA VAL D 142 -17.34 -29.40 -19.21
C VAL D 142 -17.50 -30.28 -20.46
N ARG D 143 -18.71 -30.76 -20.74
CA ARG D 143 -18.97 -31.61 -21.89
C ARG D 143 -18.71 -30.89 -23.22
N ASP D 144 -19.06 -29.61 -23.28
CA ASP D 144 -18.81 -28.79 -24.47
C ASP D 144 -17.31 -28.50 -24.67
N TYR D 145 -16.60 -28.16 -23.60
CA TYR D 145 -15.16 -27.94 -23.76
C TYR D 145 -14.42 -29.23 -24.13
N ASN D 146 -14.85 -30.35 -23.56
CA ASN D 146 -14.30 -31.63 -23.94
C ASN D 146 -14.39 -31.85 -25.46
N GLU D 147 -15.57 -31.59 -26.01
CA GLU D 147 -15.80 -31.73 -27.46
C GLU D 147 -14.91 -30.80 -28.26
N LYS D 148 -14.81 -29.55 -27.82
CA LYS D 148 -13.93 -28.56 -28.46
C LYS D 148 -12.45 -28.98 -28.47
N ILE D 149 -11.97 -29.53 -27.35
CA ILE D 149 -10.58 -29.94 -27.28
C ILE D 149 -10.39 -31.22 -28.11
N LYS D 150 -11.35 -32.16 -28.05
CA LYS D 150 -11.41 -33.28 -28.99
C LYS D 150 -11.22 -32.81 -30.44
N ASN D 151 -11.97 -31.77 -30.80
CA ASN D 151 -11.96 -31.23 -32.16
C ASN D 151 -10.61 -30.61 -32.48
N MSE D 152 -10.04 -29.89 -31.51
CA MSE D 152 -8.72 -29.28 -31.66
C MSE D 152 -7.63 -30.32 -31.92
O MSE D 152 -6.75 -30.14 -32.77
CB MSE D 152 -8.38 -28.49 -30.40
CG MSE D 152 -7.12 -27.65 -30.52
SE MSE D 152 -6.62 -26.88 -28.80
CE MSE D 152 -5.94 -28.51 -27.99
N VAL D 153 -7.68 -31.41 -31.16
CA VAL D 153 -6.73 -32.51 -31.29
C VAL D 153 -6.91 -33.26 -32.62
N LYS D 154 -8.15 -33.47 -33.03
CA LYS D 154 -8.41 -34.05 -34.36
C LYS D 154 -7.76 -33.20 -35.44
N LYS D 155 -7.99 -31.89 -35.40
CA LYS D 155 -7.62 -31.00 -36.48
C LYS D 155 -6.12 -30.71 -36.46
N TYR D 156 -5.56 -30.48 -35.26
CA TYR D 156 -4.17 -30.01 -35.14
C TYR D 156 -3.23 -31.07 -34.59
N THR D 157 -3.77 -32.28 -34.37
CA THR D 157 -3.02 -33.47 -33.97
C THR D 157 -2.62 -33.55 -32.49
N LYS D 158 -1.93 -32.54 -31.98
CA LYS D 158 -1.64 -32.49 -30.56
C LYS D 158 -1.22 -31.10 -30.10
N VAL D 159 -1.05 -30.98 -28.79
CA VAL D 159 -0.49 -29.79 -28.16
C VAL D 159 1.03 -29.75 -28.36
N ASP D 160 1.53 -28.64 -28.89
CA ASP D 160 2.97 -28.44 -29.07
C ASP D 160 3.67 -27.91 -27.81
N ILE D 161 3.01 -26.95 -27.13
CA ILE D 161 3.62 -26.24 -26.01
C ILE D 161 2.55 -26.07 -24.92
N ALA D 162 2.87 -26.49 -23.70
CA ALA D 162 2.03 -26.25 -22.54
C ALA D 162 2.79 -25.44 -21.52
N ILE D 163 2.21 -24.27 -21.16
CA ILE D 163 2.83 -23.37 -20.20
C ILE D 163 2.12 -23.53 -18.84
N LEU D 164 2.91 -23.88 -17.81
CA LEU D 164 2.39 -24.40 -16.56
C LEU D 164 3.02 -23.78 -15.35
N GLY D 165 2.29 -23.85 -14.24
CA GLY D 165 2.80 -23.53 -12.93
C GLY D 165 2.57 -24.71 -12.02
N MSE D 166 2.95 -24.57 -10.77
CA MSE D 166 2.68 -25.59 -9.78
C MSE D 166 2.35 -24.99 -8.43
O MSE D 166 3.03 -24.08 -7.98
CB MSE D 166 3.88 -26.54 -9.63
CG MSE D 166 3.55 -27.75 -8.77
SE MSE D 166 4.87 -29.18 -8.72
CE MSE D 166 6.09 -28.36 -7.41
N GLY D 167 1.36 -25.55 -7.77
CA GLY D 167 0.93 -25.04 -6.48
C GLY D 167 1.60 -25.71 -5.31
N SER D 168 1.35 -25.16 -4.13
CA SER D 168 1.94 -25.68 -2.90
C SER D 168 1.42 -27.08 -2.54
N ASP D 169 0.30 -27.50 -3.13
CA ASP D 169 -0.22 -28.87 -3.01
C ASP D 169 0.20 -29.78 -4.19
N PHE D 170 1.19 -29.34 -4.96
CA PHE D 170 1.69 -30.04 -6.14
C PHE D 170 0.71 -30.12 -7.34
N HIS D 171 -0.39 -29.39 -7.28
CA HIS D 171 -1.28 -29.39 -8.43
C HIS D 171 -0.69 -28.60 -9.55
N ILE D 172 -1.08 -28.98 -10.74
CA ILE D 172 -0.80 -28.22 -11.94
C ILE D 172 -2.10 -28.09 -12.68
N ALA D 173 -2.20 -27.09 -13.55
CA ALA D 173 -3.47 -26.83 -14.20
C ALA D 173 -4.57 -26.69 -13.12
N SER D 174 -5.72 -27.37 -13.29
CA SER D 174 -6.61 -27.64 -12.14
C SER D 174 -6.74 -29.14 -11.86
N LEU D 175 -5.60 -29.82 -11.96
CA LEU D 175 -5.53 -31.22 -11.63
C LEU D 175 -5.04 -31.35 -10.17
N PHE D 176 -6.00 -31.40 -9.25
CA PHE D 176 -5.75 -31.42 -7.81
C PHE D 176 -5.59 -32.87 -7.29
N PRO D 177 -4.49 -33.15 -6.58
CA PRO D 177 -4.35 -34.43 -5.88
C PRO D 177 -5.54 -34.67 -4.96
N ASN D 178 -6.06 -35.90 -4.86
CA ASN D 178 -5.71 -37.04 -5.68
C ASN D 178 -6.51 -36.98 -6.97
N ILE D 179 -5.78 -36.92 -8.08
CA ILE D 179 -6.40 -36.56 -9.38
C ILE D 179 -7.40 -37.59 -9.77
N PHE D 180 -7.10 -38.85 -9.51
CA PHE D 180 -8.02 -39.90 -9.84
C PHE D 180 -9.31 -39.83 -9.01
N PHE D 181 -9.18 -39.67 -7.69
CA PHE D 181 -10.34 -39.61 -6.84
C PHE D 181 -11.20 -38.38 -7.18
N ASN D 182 -10.53 -37.27 -7.42
CA ASN D 182 -11.18 -35.98 -7.64
C ASN D 182 -11.94 -36.01 -8.97
N ILE D 183 -11.27 -36.44 -10.04
CA ILE D 183 -11.94 -36.61 -11.33
C ILE D 183 -13.08 -37.65 -11.25
N TYR D 184 -12.85 -38.79 -10.60
CA TYR D 184 -13.86 -39.82 -10.56
C TYR D 184 -15.11 -39.36 -9.82
N MSE D 185 -14.94 -38.80 -8.63
CA MSE D 185 -16.07 -38.44 -7.82
C MSE D 185 -16.86 -37.27 -8.46
O MSE D 185 -18.08 -37.18 -8.30
CB MSE D 185 -15.61 -38.07 -6.40
CG MSE D 185 -15.01 -39.25 -5.60
SE MSE D 185 -16.30 -40.68 -5.27
CE MSE D 185 -17.37 -39.86 -3.85
N ASN D 186 -16.18 -36.39 -9.18
CA ASN D 186 -16.80 -35.21 -9.76
C ASN D 186 -17.45 -35.43 -11.15
N ASN D 187 -16.99 -36.46 -11.88
CA ASN D 187 -17.35 -36.65 -13.29
C ASN D 187 -18.02 -37.98 -13.58
N TYR D 188 -17.55 -39.05 -12.92
CA TYR D 188 -18.00 -40.40 -13.23
C TYR D 188 -18.99 -40.96 -12.23
N GLN D 189 -18.83 -40.63 -10.96
CA GLN D 189 -19.78 -41.07 -9.95
C GLN D 189 -21.22 -40.58 -10.30
N ASN D 190 -22.16 -41.52 -10.29
CA ASN D 190 -23.54 -41.27 -10.69
C ASN D 190 -23.70 -40.82 -12.14
N SER D 191 -22.66 -41.05 -12.97
CA SER D 191 -22.59 -40.60 -14.36
C SER D 191 -22.88 -39.11 -14.52
N TYR D 192 -22.42 -38.31 -13.56
CA TYR D 192 -22.77 -36.90 -13.51
C TYR D 192 -22.36 -36.17 -14.79
N ILE D 193 -21.14 -36.42 -15.26
CA ILE D 193 -20.65 -35.78 -16.48
C ILE D 193 -20.37 -36.78 -17.57
N TYR D 194 -19.74 -37.91 -17.22
CA TYR D 194 -19.43 -38.97 -18.17
C TYR D 194 -20.00 -40.30 -17.66
N ASP D 195 -20.34 -41.18 -18.60
CA ASP D 195 -20.95 -42.45 -18.30
C ASP D 195 -20.01 -43.31 -17.45
N GLU D 196 -20.53 -43.78 -16.31
CA GLU D 196 -19.76 -44.55 -15.33
C GLU D 196 -19.53 -46.02 -15.77
N SER D 197 -20.35 -46.50 -16.71
CA SER D 197 -20.18 -47.85 -17.25
C SER D 197 -18.85 -47.96 -18.01
N SER D 198 -18.26 -46.82 -18.35
CA SER D 198 -17.00 -46.78 -19.09
C SER D 198 -15.75 -47.06 -18.23
N ILE D 199 -15.92 -47.37 -16.96
CA ILE D 199 -14.78 -47.50 -16.08
C ILE D 199 -14.96 -48.67 -15.13
N LYS D 200 -13.94 -49.52 -15.08
CA LYS D 200 -13.83 -50.53 -14.04
C LYS D 200 -12.68 -50.21 -13.10
N VAL D 201 -12.94 -49.29 -12.17
CA VAL D 201 -12.04 -49.00 -11.06
C VAL D 201 -11.76 -50.27 -10.25
N ALA D 202 -10.49 -50.60 -10.06
CA ALA D 202 -10.11 -51.59 -9.06
C ALA D 202 -9.48 -50.91 -7.83
N ASN D 203 -9.65 -51.53 -6.66
CA ASN D 203 -9.27 -50.91 -5.40
C ASN D 203 -7.91 -51.43 -4.92
N ASP D 206 -4.99 -53.41 -4.78
CA ASP D 206 -5.27 -54.15 -6.02
C ASP D 206 -4.67 -53.44 -7.25
N THR D 207 -5.25 -52.30 -7.64
CA THR D 207 -4.78 -51.57 -8.83
C THR D 207 -4.26 -50.19 -8.44
N SER D 208 -3.05 -49.85 -8.90
CA SER D 208 -2.45 -48.56 -8.55
C SER D 208 -3.33 -47.41 -9.02
N ASP D 209 -3.17 -46.26 -8.37
CA ASP D 209 -3.80 -45.04 -8.85
C ASP D 209 -3.33 -44.72 -10.28
N ASN D 210 -2.08 -45.02 -10.59
CA ASN D 210 -1.53 -44.74 -11.91
C ASN D 210 -2.29 -45.51 -12.99
N ASP D 211 -2.54 -46.79 -12.72
CA ASP D 211 -3.28 -47.64 -13.64
C ASP D 211 -4.75 -47.22 -13.75
N ASN D 212 -5.36 -46.86 -12.64
CA ASN D 212 -6.72 -46.34 -12.65
C ASN D 212 -6.89 -45.02 -13.41
N LEU D 213 -5.95 -44.10 -13.28
CA LEU D 213 -6.00 -42.85 -14.05
C LEU D 213 -5.96 -43.11 -15.58
N ASP D 214 -5.22 -44.14 -15.99
CA ASP D 214 -5.19 -44.56 -17.41
C ASP D 214 -6.60 -44.87 -17.95
N LEU D 215 -7.53 -45.21 -17.06
CA LEU D 215 -8.87 -45.61 -17.47
C LEU D 215 -9.70 -44.42 -17.89
N LEU D 216 -9.26 -43.23 -17.52
CA LEU D 216 -10.05 -42.03 -17.78
C LEU D 216 -9.53 -41.33 -19.05
N LYS D 217 -10.37 -41.34 -20.08
CA LYS D 217 -9.93 -41.14 -21.46
C LYS D 217 -10.42 -39.82 -22.06
N GLU D 218 -11.05 -38.97 -21.28
CA GLU D 218 -11.56 -37.70 -21.83
C GLU D 218 -10.49 -36.62 -21.83
N TYR D 219 -10.76 -35.55 -22.55
CA TYR D 219 -9.82 -34.43 -22.66
C TYR D 219 -10.00 -33.35 -21.59
N VAL D 220 -11.20 -33.28 -21.01
CA VAL D 220 -11.58 -32.19 -20.11
C VAL D 220 -12.46 -32.74 -18.98
N TYR D 221 -12.13 -32.32 -17.77
CA TYR D 221 -12.84 -32.72 -16.57
C TYR D 221 -13.21 -31.56 -15.64
N PHE D 222 -14.29 -31.76 -14.89
CA PHE D 222 -14.65 -30.98 -13.72
C PHE D 222 -13.77 -31.43 -12.52
N THR D 223 -13.09 -30.48 -11.91
CA THR D 223 -12.42 -30.72 -10.64
C THR D 223 -12.84 -29.71 -9.58
N THR D 224 -12.59 -30.05 -8.32
CA THR D 224 -12.89 -29.15 -7.22
C THR D 224 -11.70 -28.90 -6.25
N THR D 225 -11.71 -27.71 -5.69
CA THR D 225 -10.79 -27.32 -4.63
C THR D 225 -11.59 -26.52 -3.58
N ASN D 226 -10.90 -25.75 -2.76
CA ASN D 226 -11.59 -24.98 -1.71
C ASN D 226 -12.33 -23.77 -2.29
N ASN D 227 -13.30 -23.29 -1.54
CA ASN D 227 -14.14 -22.21 -1.99
C ASN D 227 -13.42 -20.87 -2.10
N PHE D 228 -12.41 -20.64 -1.28
CA PHE D 228 -11.63 -19.40 -1.38
C PHE D 228 -10.92 -19.27 -2.76
N ASP D 229 -10.38 -20.38 -3.25
CA ASP D 229 -9.61 -20.39 -4.49
C ASP D 229 -10.49 -20.58 -5.76
N VAL D 230 -11.80 -20.52 -5.55
CA VAL D 230 -12.85 -20.81 -6.53
C VAL D 230 -13.03 -22.31 -6.64
N ARG D 231 -14.10 -22.82 -6.03
CA ARG D 231 -14.27 -24.25 -5.81
C ARG D 231 -14.33 -25.07 -7.10
N LYS D 232 -15.07 -24.57 -8.07
CA LYS D 232 -15.33 -25.33 -9.28
C LYS D 232 -14.34 -24.97 -10.35
N ARG D 233 -13.71 -26.00 -10.91
CA ARG D 233 -12.67 -25.82 -11.92
C ARG D 233 -12.96 -26.67 -13.16
N ILE D 234 -12.40 -26.21 -14.28
CA ILE D 234 -12.43 -26.97 -15.52
C ILE D 234 -11.00 -27.17 -15.92
N THR D 235 -10.62 -28.41 -16.20
CA THR D 235 -9.21 -28.68 -16.57
C THR D 235 -9.09 -29.60 -17.76
N VAL D 236 -8.09 -29.37 -18.60
CA VAL D 236 -7.66 -30.41 -19.53
C VAL D 236 -7.01 -31.54 -18.74
N SER D 237 -6.98 -32.72 -19.34
CA SER D 237 -6.54 -33.92 -18.67
C SER D 237 -5.01 -34.00 -18.52
N LEU D 238 -4.57 -34.77 -17.54
CA LEU D 238 -3.15 -35.01 -17.34
C LEU D 238 -2.52 -35.66 -18.59
N ASP D 239 -3.27 -36.54 -19.23
CA ASP D 239 -2.79 -37.24 -20.42
C ASP D 239 -2.53 -36.28 -21.57
N LEU D 240 -3.42 -35.29 -21.74
CA LEU D 240 -3.24 -34.31 -22.80
C LEU D 240 -1.96 -33.53 -22.57
N LEU D 241 -1.71 -33.14 -21.32
CA LEU D 241 -0.53 -32.37 -21.01
C LEU D 241 0.75 -33.20 -21.14
N GLY D 242 0.69 -34.47 -20.74
CA GLY D 242 1.85 -35.39 -20.84
C GLY D 242 2.20 -35.63 -22.30
N ASN D 243 1.20 -35.59 -23.15
CA ASN D 243 1.40 -35.74 -24.60
C ASN D 243 1.92 -34.46 -25.32
N ALA D 244 1.96 -33.33 -24.62
CA ALA D 244 2.51 -32.10 -25.22
C ALA D 244 4.00 -32.26 -25.58
N SER D 245 4.42 -31.64 -26.68
CA SER D 245 5.79 -31.84 -27.20
C SER D 245 6.80 -31.06 -26.37
N SER D 246 6.29 -30.03 -25.70
CA SER D 246 7.07 -29.21 -24.82
C SER D 246 6.19 -28.82 -23.64
N LYS D 247 6.71 -29.03 -22.43
CA LYS D 247 6.12 -28.52 -21.18
C LYS D 247 7.08 -27.53 -20.52
N ILE D 248 6.58 -26.34 -20.22
CA ILE D 248 7.37 -25.27 -19.62
C ILE D 248 6.73 -24.95 -18.27
N PHE D 249 7.43 -25.29 -17.19
CA PHE D 249 7.08 -24.80 -15.84
C PHE D 249 7.76 -23.50 -15.50
N LEU D 250 6.98 -22.59 -14.91
CA LEU D 250 7.46 -21.32 -14.44
C LEU D 250 7.57 -21.28 -12.92
N LEU D 251 8.79 -21.49 -12.39
CA LEU D 251 8.98 -21.55 -10.92
C LEU D 251 9.86 -20.38 -10.41
N ASN D 252 9.21 -19.28 -10.05
CA ASN D 252 9.92 -18.02 -9.91
C ASN D 252 10.14 -17.58 -8.45
N SER D 253 10.17 -18.55 -7.52
CA SER D 253 10.45 -18.24 -6.13
C SER D 253 11.17 -19.39 -5.46
N THR D 254 11.89 -19.10 -4.38
CA THR D 254 12.54 -20.16 -3.61
C THR D 254 11.51 -21.17 -3.09
N ASP D 255 10.35 -20.69 -2.64
CA ASP D 255 9.30 -21.58 -2.16
C ASP D 255 8.92 -22.61 -3.25
N LYS D 256 8.74 -22.14 -4.48
CA LYS D 256 8.37 -23.04 -5.58
C LYS D 256 9.51 -24.01 -5.91
N LEU D 257 10.74 -23.54 -5.89
CA LEU D 257 11.90 -24.40 -6.10
C LEU D 257 12.13 -25.39 -4.94
N ASP D 258 11.79 -24.99 -3.71
CA ASP D 258 11.77 -25.90 -2.58
C ASP D 258 10.75 -27.03 -2.79
N LEU D 259 9.57 -26.67 -3.27
CA LEU D 259 8.52 -27.63 -3.61
C LEU D 259 8.97 -28.61 -4.70
N TRP D 260 9.57 -28.10 -5.75
CA TRP D 260 10.00 -28.95 -6.85
C TRP D 260 11.04 -29.95 -6.34
N LYS D 261 12.00 -29.49 -5.54
CA LYS D 261 13.00 -30.38 -4.94
C LYS D 261 12.38 -31.47 -4.04
N ASN D 262 11.48 -31.09 -3.15
CA ASN D 262 10.80 -32.05 -2.31
C ASN D 262 9.96 -33.04 -3.09
N MSE D 263 9.29 -32.59 -4.14
CA MSE D 263 8.62 -33.48 -5.07
C MSE D 263 9.55 -34.54 -5.67
O MSE D 263 9.22 -35.71 -5.76
CB MSE D 263 8.05 -32.70 -6.22
CG MSE D 263 7.20 -33.53 -7.16
SE MSE D 263 6.71 -32.43 -8.68
CE MSE D 263 8.44 -32.38 -9.58
N LEU D 264 10.72 -34.11 -6.13
CA LEU D 264 11.67 -35.05 -6.70
C LEU D 264 12.16 -36.05 -5.66
N LEU D 265 12.43 -35.58 -4.45
CA LEU D 265 12.83 -36.49 -3.36
C LEU D 265 11.75 -37.54 -3.08
N LYS D 266 10.51 -37.08 -2.94
CA LYS D 266 9.44 -37.94 -2.46
C LYS D 266 8.89 -38.87 -3.55
N SER D 267 9.10 -38.49 -4.81
CA SER D 267 8.60 -39.30 -5.92
C SER D 267 9.68 -40.23 -6.51
N TYR D 268 10.86 -40.27 -5.90
CA TYR D 268 11.96 -41.08 -6.46
C TYR D 268 11.57 -42.56 -6.47
N VAL D 269 10.77 -42.99 -5.49
CA VAL D 269 10.28 -44.35 -5.41
C VAL D 269 8.77 -44.40 -5.50
N ASP D 270 8.27 -45.23 -6.42
CA ASP D 270 6.84 -45.50 -6.60
C ASP D 270 5.98 -44.21 -6.74
N VAL D 271 6.38 -43.32 -7.64
CA VAL D 271 5.62 -42.06 -7.85
C VAL D 271 4.17 -42.39 -8.16
N ASN D 272 3.28 -41.74 -7.42
CA ASN D 272 1.87 -41.75 -7.74
C ASN D 272 1.58 -40.48 -8.54
N TYR D 273 1.29 -40.64 -9.83
CA TYR D 273 1.10 -39.47 -10.67
C TYR D 273 -0.17 -38.71 -10.32
N CYS D 274 -1.04 -39.36 -9.56
CA CYS D 274 -2.26 -38.74 -9.07
C CYS D 274 -2.00 -37.70 -7.95
N LEU D 275 -0.81 -37.79 -7.34
CA LEU D 275 -0.39 -36.89 -6.29
C LEU D 275 0.75 -35.95 -6.72
N TYR D 276 1.56 -36.39 -7.69
CA TYR D 276 2.64 -35.54 -8.24
C TYR D 276 2.55 -35.47 -9.77
N PRO D 277 1.53 -34.77 -10.30
CA PRO D 277 1.29 -34.75 -11.75
C PRO D 277 2.46 -34.20 -12.55
N ALA D 278 3.19 -33.26 -12.01
CA ALA D 278 4.35 -32.70 -12.75
C ALA D 278 5.33 -33.79 -13.11
N VAL D 279 5.44 -34.82 -12.29
CA VAL D 279 6.39 -35.94 -12.58
C VAL D 279 5.94 -36.81 -13.77
N TYR D 280 4.64 -36.99 -13.93
CA TYR D 280 4.10 -37.55 -15.16
C TYR D 280 4.60 -36.81 -16.39
N LEU D 281 4.54 -35.48 -16.34
CA LEU D 281 5.11 -34.64 -17.41
C LEU D 281 6.62 -34.84 -17.60
N ILE D 282 7.38 -34.81 -16.50
CA ILE D 282 8.80 -35.13 -16.54
C ILE D 282 9.03 -36.49 -17.23
N ASP D 283 8.29 -37.51 -16.80
CA ASP D 283 8.53 -38.85 -17.28
C ASP D 283 8.07 -38.98 -18.73
N SER D 284 7.23 -38.05 -19.17
CA SER D 284 6.76 -38.04 -20.56
CA SER D 284 6.75 -38.02 -20.55
C SER D 284 7.74 -37.32 -21.50
N MSE D 285 8.83 -36.78 -20.96
CA MSE D 285 9.92 -36.14 -21.71
CA MSE D 285 9.90 -36.18 -21.79
C MSE D 285 9.62 -34.68 -22.08
O MSE D 285 8.46 -34.23 -22.03
CB MSE D 285 10.33 -36.96 -22.95
CB MSE D 285 10.06 -36.94 -23.14
CG MSE D 285 10.63 -38.42 -22.69
CG MSE D 285 11.35 -36.62 -23.94
SE MSE D 285 12.07 -38.69 -21.43
SE MSE D 285 11.27 -36.96 -25.91
CE MSE D 285 13.51 -37.79 -22.36
CE MSE D 285 9.79 -38.23 -25.96
N ASN D 286 10.67 -33.94 -22.40
CA ASN D 286 10.57 -32.60 -22.97
C ASN D 286 9.97 -31.59 -21.99
N THR D 287 10.25 -31.77 -20.71
CA THR D 287 9.89 -30.78 -19.71
C THR D 287 11.06 -29.83 -19.47
N THR D 288 10.76 -28.53 -19.50
CA THR D 288 11.69 -27.47 -19.10
C THR D 288 11.17 -26.74 -17.88
N VAL D 289 12.08 -26.36 -16.98
CA VAL D 289 11.74 -25.51 -15.84
C VAL D 289 12.55 -24.21 -15.88
N VAL D 290 11.85 -23.09 -15.84
CA VAL D 290 12.47 -21.78 -15.65
C VAL D 290 12.43 -21.44 -14.15
N THR D 291 13.57 -20.99 -13.61
CA THR D 291 13.75 -20.90 -12.16
C THR D 291 14.16 -19.48 -11.72
N CYS D 292 13.67 -19.06 -10.57
CA CYS D 292 14.22 -17.88 -9.89
C CYS D 292 14.19 -18.09 -8.39
N GLY D 293 15.30 -17.79 -7.72
CA GLY D 293 15.37 -17.88 -6.27
C GLY D 293 16.66 -18.49 -5.75
N TYR D 294 17.20 -19.45 -6.49
CA TYR D 294 18.41 -20.18 -6.11
C TYR D 294 19.42 -20.16 -7.26
N THR D 295 20.62 -19.68 -6.96
CA THR D 295 21.72 -19.76 -7.89
C THR D 295 22.25 -21.17 -7.86
N ASN D 296 22.57 -21.69 -9.02
CA ASN D 296 23.09 -23.03 -9.14
C ASN D 296 22.09 -24.09 -8.70
N TYR D 297 20.84 -23.91 -9.11
CA TYR D 297 19.76 -24.74 -8.61
C TYR D 297 19.94 -26.22 -8.99
N PRO D 298 20.21 -26.52 -10.26
CA PRO D 298 20.33 -27.92 -10.65
C PRO D 298 21.41 -28.68 -9.84
N GLN D 299 22.50 -27.98 -9.51
CA GLN D 299 23.57 -28.53 -8.66
CA GLN D 299 23.55 -28.58 -8.70
C GLN D 299 23.01 -28.89 -7.30
N MSE D 300 22.10 -28.05 -6.80
CA MSE D 300 21.52 -28.31 -5.51
CA MSE D 300 21.38 -28.26 -5.53
C MSE D 300 20.58 -29.55 -5.55
O MSE D 300 20.33 -30.15 -4.50
CB MSE D 300 20.83 -27.04 -4.97
CB MSE D 300 20.35 -27.15 -5.33
CG MSE D 300 21.85 -25.95 -4.52
CG MSE D 300 20.79 -25.96 -4.54
SE MSE D 300 21.15 -24.10 -4.50
SE MSE D 300 19.24 -24.81 -4.21
CE MSE D 300 22.57 -23.19 -3.52
CE MSE D 300 17.96 -26.14 -3.57
N LEU D 301 20.12 -29.95 -6.73
CA LEU D 301 19.26 -31.13 -6.88
C LEU D 301 20.04 -32.45 -7.02
N GLU D 302 21.29 -32.35 -7.45
CA GLU D 302 22.04 -33.50 -8.00
C GLU D 302 22.09 -34.70 -7.06
N ASP D 303 22.12 -34.42 -5.76
CA ASP D 303 22.26 -35.45 -4.73
C ASP D 303 21.22 -36.58 -4.83
N ILE D 304 19.96 -36.21 -5.06
CA ILE D 304 18.85 -37.17 -4.96
C ILE D 304 19.10 -38.38 -5.86
N TYR D 305 19.93 -38.19 -6.88
CA TYR D 305 19.98 -39.10 -8.02
C TYR D 305 21.33 -39.82 -8.11
CL CL E . 9.97 8.18 5.26
K K F . 4.13 27.06 -9.90
N1 AZI G . 2.60 28.66 -12.19
N2 AZI G . 2.51 29.83 -12.09
N3 AZI G . 2.46 30.99 -11.93
K K H . 21.12 -6.13 22.34
N1 AZI I . 21.27 -8.76 24.14
N2 AZI I . 22.40 -8.94 24.46
N3 AZI I . 23.53 -9.15 24.79
K K J . -23.85 -14.87 -0.13
N1 AZI K . -23.78 -17.54 1.66
N2 AZI K . -22.67 -17.75 2.04
N3 AZI K . -21.57 -17.96 2.39
CL CL L . -8.84 -36.39 -3.18
K K M . -14.40 -17.20 -18.15
N1 AZI N . -15.95 -15.73 -20.42
N2 AZI N . -16.05 -14.55 -20.28
N3 AZI N . -16.14 -13.38 -20.09
#